data_7QPT
#
_entry.id   7QPT
#
_cell.length_a   94.677
_cell.length_b   94.677
_cell.length_c   181.209
_cell.angle_alpha   90.000
_cell.angle_beta   90.000
_cell.angle_gamma   120.000
#
_symmetry.space_group_name_H-M   'P 61'
#
loop_
_entity.id
_entity.type
_entity.pdbx_description
1 polymer 'Neurotoxin type A'
2 branched 'N-acetyl-alpha-neuraminic acid-(2-3)-beta-D-galactopyranose-(1-3)-2-acetamido-2-deoxy-beta-D-galactopyranose-(1-4)-beta-D-galactopyranose-(1-4)-beta-D-glucopyranose'
3 water water
#
_entity_poly.entity_id   1
_entity_poly.type   'polypeptide(L)'
_entity_poly.pdbx_seq_one_letter_code
;MHHHHHHKNITNASILSIVYKDDDLIDLSRYGAEIYNGDKVYYNSIDKNQIRLINLESSTIEVILKKAIVYNSMYENFST
SFWIRIPKYFNSISLNNEYTIINCMENNSGWKVSLNYGEIIWTFQDTQEIKQRVVFKYSQMINISDYINRWIFVTITNNR
ITKSKIYINGRLIDQKPISNLGNIHASNKIMFKLDGCRDPHRYIVIKYFNLFDKELSEKEIKDLYDNQSNSGILKDFWGD
YLQYDKSYYMLNLYDPNKYVDVNNVGIRGYMYLKGPRDNVMTTNIYLNSSLYMGTKFIIKKYASGNKDNIVRNNDRVYIN
VVVKNKEYRLATNASQAGVEKILSALEIPDVGNLSQVVVMKSKNDQGITNKCKMNLQDNNGNDIGFIGFHQFNNIAKLVA
SNWYNRQIERSSRTLGCSWEFIPVDDGWRERPL
;
_entity_poly.pdbx_strand_id   A,B
#
# COMPACT_ATOMS: atom_id res chain seq x y z
N LYS A 8 12.97 -8.55 37.46
CA LYS A 8 13.28 -7.59 38.52
C LYS A 8 14.59 -6.85 38.24
N ASN A 9 15.68 -7.61 38.09
CA ASN A 9 16.93 -7.04 37.64
C ASN A 9 16.98 -6.87 36.12
N ILE A 10 15.84 -6.96 35.45
CA ILE A 10 15.77 -6.60 34.04
C ILE A 10 15.64 -5.10 33.89
N THR A 11 14.99 -4.43 34.85
CA THR A 11 14.96 -2.97 34.84
C THR A 11 16.29 -2.37 35.26
N ASN A 12 17.07 -3.09 36.06
CA ASN A 12 18.38 -2.62 36.49
C ASN A 12 19.43 -2.73 35.40
N ALA A 13 19.16 -3.48 34.32
CA ALA A 13 20.06 -3.57 33.19
C ALA A 13 19.71 -2.60 32.09
N SER A 14 18.64 -1.82 32.25
CA SER A 14 18.19 -0.90 31.22
C SER A 14 19.10 0.31 31.16
N ILE A 15 19.56 0.65 29.94
CA ILE A 15 20.21 1.93 29.70
C ILE A 15 19.37 2.85 28.82
N LEU A 16 18.26 2.35 28.28
CA LEU A 16 17.32 3.17 27.50
C LEU A 16 15.99 2.45 27.45
N SER A 17 14.91 3.17 27.75
CA SER A 17 13.58 2.56 27.82
C SER A 17 12.57 3.65 27.41
N ILE A 18 12.17 3.62 26.14
CA ILE A 18 11.34 4.67 25.56
C ILE A 18 9.87 4.31 25.73
N VAL A 19 9.12 5.20 26.37
CA VAL A 19 7.67 5.07 26.46
C VAL A 19 7.04 6.45 26.28
N TYR A 20 5.80 6.46 25.83
CA TYR A 20 5.02 7.69 25.81
C TYR A 20 4.48 7.96 27.21
N LYS A 21 4.69 9.18 27.70
CA LYS A 21 4.24 9.56 29.02
C LYS A 21 3.92 11.05 29.04
N ASP A 22 2.72 11.40 29.49
CA ASP A 22 2.31 12.78 29.73
C ASP A 22 2.72 13.69 28.57
N ASP A 23 2.20 13.35 27.38
CA ASP A 23 2.29 14.16 26.16
C ASP A 23 3.66 14.13 25.48
N ASP A 24 4.51 13.14 25.77
CA ASP A 24 5.82 13.11 25.14
C ASP A 24 6.48 11.76 25.38
N LEU A 25 7.49 11.46 24.56
CA LEU A 25 8.34 10.30 24.77
C LEU A 25 9.45 10.63 25.77
N ILE A 26 9.69 9.71 26.71
CA ILE A 26 10.71 9.92 27.73
C ILE A 26 11.42 8.60 28.03
N ASP A 27 12.63 8.73 28.57
CA ASP A 27 13.44 7.58 28.94
C ASP A 27 13.07 7.11 30.33
N LEU A 28 12.72 5.83 30.46
CA LEU A 28 12.40 5.23 31.74
C LEU A 28 13.60 4.59 32.43
N SER A 29 14.76 4.56 31.78
CA SER A 29 15.98 4.26 32.51
C SER A 29 16.29 5.43 33.44
N ARG A 30 17.30 5.25 34.30
CA ARG A 30 17.64 6.34 35.19
C ARG A 30 18.54 7.38 34.55
N TYR A 31 18.92 7.21 33.28
CA TYR A 31 19.95 8.02 32.66
C TYR A 31 19.39 9.16 31.81
N GLY A 32 18.07 9.33 31.74
CA GLY A 32 17.43 10.49 31.14
C GLY A 32 17.91 10.90 29.76
N ALA A 33 17.85 10.00 28.79
CA ALA A 33 18.30 10.31 27.44
C ALA A 33 17.41 11.37 26.79
N GLU A 34 18.03 12.22 25.98
CA GLU A 34 17.30 13.23 25.22
C GLU A 34 16.66 12.60 23.99
N ILE A 35 15.40 12.97 23.73
CA ILE A 35 14.60 12.33 22.69
C ILE A 35 13.88 13.43 21.90
N TYR A 36 14.22 13.55 20.62
CA TYR A 36 13.69 14.62 19.77
C TYR A 36 12.85 14.03 18.65
N ASN A 37 11.62 14.51 18.52
CA ASN A 37 10.68 14.02 17.53
C ASN A 37 10.63 14.96 16.33
N GLY A 38 10.38 14.38 15.16
CA GLY A 38 10.11 15.18 13.98
C GLY A 38 8.66 15.60 13.90
N ASP A 39 8.36 16.42 12.89
CA ASP A 39 7.01 16.94 12.74
C ASP A 39 6.00 15.86 12.35
N LYS A 40 6.45 14.78 11.73
CA LYS A 40 5.56 13.76 11.17
C LYS A 40 5.68 12.43 11.90
N VAL A 41 5.75 12.46 13.23
CA VAL A 41 5.68 11.26 14.06
C VAL A 41 4.28 11.17 14.65
N TYR A 42 3.72 9.96 14.68
CA TYR A 42 2.32 9.78 15.07
C TYR A 42 2.20 8.75 16.18
N TYR A 43 1.12 8.90 16.97
CA TYR A 43 0.82 8.01 18.08
C TYR A 43 -0.63 7.55 17.97
N ASN A 44 -0.86 6.28 18.34
CA ASN A 44 -2.19 5.71 18.27
C ASN A 44 -3.06 6.23 19.41
N SER A 45 -4.29 6.63 19.08
CA SER A 45 -5.16 7.23 20.10
C SER A 45 -5.61 6.21 21.13
N ILE A 46 -5.67 4.92 20.76
CA ILE A 46 -6.07 3.89 21.71
C ILE A 46 -4.87 3.42 22.53
N ASP A 47 -3.68 3.46 21.95
CA ASP A 47 -2.46 3.02 22.66
C ASP A 47 -1.34 3.97 22.20
N LYS A 48 -1.08 5.01 22.99
CA LYS A 48 -0.13 6.04 22.59
C LYS A 48 1.31 5.56 22.57
N ASN A 49 1.61 4.40 23.14
CA ASN A 49 2.95 3.84 23.02
C ASN A 49 3.23 3.29 21.63
N GLN A 50 2.19 3.07 20.82
CA GLN A 50 2.37 2.60 19.46
C GLN A 50 2.80 3.79 18.59
N ILE A 51 4.02 3.74 18.07
CA ILE A 51 4.63 4.87 17.37
C ILE A 51 4.72 4.53 15.89
N ARG A 52 4.09 5.35 15.06
CA ARG A 52 4.08 5.14 13.61
C ARG A 52 5.07 6.08 12.94
N LEU A 53 6.04 5.52 12.24
CA LEU A 53 7.00 6.27 11.45
C LEU A 53 6.75 6.00 9.97
N ILE A 54 6.67 7.07 9.18
CA ILE A 54 6.38 6.95 7.75
C ILE A 54 7.62 7.29 6.95
N ASN A 55 7.53 7.19 5.62
CA ASN A 55 8.69 7.42 4.76
C ASN A 55 8.73 8.88 4.30
N LEU A 56 9.04 9.74 5.26
CA LEU A 56 9.34 11.14 5.00
C LEU A 56 10.48 11.56 5.90
N GLU A 57 11.33 12.47 5.39
CA GLU A 57 12.50 12.92 6.14
C GLU A 57 12.13 13.43 7.54
N SER A 58 10.95 14.01 7.69
CA SER A 58 10.54 14.58 8.96
C SER A 58 9.93 13.57 9.91
N SER A 59 9.86 12.29 9.53
CA SER A 59 9.31 11.25 10.41
C SER A 59 10.49 10.55 11.09
N THR A 60 11.00 11.19 12.14
CA THR A 60 12.22 10.74 12.80
C THR A 60 12.05 10.78 14.31
N ILE A 61 12.77 9.90 15.00
CA ILE A 61 13.04 10.02 16.43
C ILE A 61 14.54 9.88 16.61
N GLU A 62 15.17 10.93 17.12
CA GLU A 62 16.60 10.90 17.43
C GLU A 62 16.79 10.84 18.94
N VAL A 63 17.61 9.91 19.39
CA VAL A 63 17.93 9.74 20.80
C VAL A 63 19.41 10.06 20.99
N ILE A 64 19.70 10.94 21.94
CA ILE A 64 21.07 11.24 22.31
C ILE A 64 21.29 10.74 23.74
N LEU A 65 22.13 9.72 23.89
CA LEU A 65 22.49 9.26 25.21
C LEU A 65 23.48 10.24 25.86
N LYS A 66 23.34 10.42 27.18
CA LYS A 66 24.28 11.25 27.92
C LYS A 66 25.69 10.70 27.77
N LYS A 67 26.66 11.60 27.57
CA LYS A 67 28.04 11.16 27.41
C LYS A 67 28.51 10.35 28.62
N ALA A 68 27.90 10.57 29.79
CA ALA A 68 28.28 9.84 30.99
C ALA A 68 28.14 8.34 30.83
N ILE A 69 27.16 7.89 30.03
CA ILE A 69 26.91 6.45 29.89
C ILE A 69 27.51 5.88 28.61
N VAL A 70 28.19 6.69 27.80
CA VAL A 70 28.79 6.24 26.55
C VAL A 70 30.25 5.90 26.79
N TYR A 71 30.61 4.64 26.56
CA TYR A 71 31.99 4.19 26.61
C TYR A 71 32.22 3.16 25.50
N ASN A 72 33.49 2.97 25.14
CA ASN A 72 33.82 2.27 23.89
C ASN A 72 33.30 0.84 23.85
N SER A 73 33.21 0.16 25.00
CA SER A 73 32.81 -1.23 25.04
C SER A 73 31.36 -1.42 25.48
N MET A 74 30.54 -0.37 25.37
CA MET A 74 29.15 -0.46 25.82
C MET A 74 28.33 -1.42 24.97
N TYR A 75 28.77 -1.70 23.74
CA TYR A 75 28.05 -2.61 22.87
C TYR A 75 28.78 -3.93 22.67
N GLU A 76 29.79 -4.22 23.50
CA GLU A 76 30.37 -5.55 23.50
C GLU A 76 29.43 -6.58 24.12
N ASN A 77 28.63 -6.16 25.11
CA ASN A 77 27.76 -7.06 25.86
C ASN A 77 26.46 -6.32 26.13
N PHE A 78 25.45 -6.51 25.28
CA PHE A 78 24.23 -5.75 25.40
C PHE A 78 23.13 -6.41 24.58
N SER A 79 21.89 -6.01 24.86
CA SER A 79 20.72 -6.52 24.16
C SER A 79 19.79 -5.37 23.80
N THR A 80 18.85 -5.65 22.92
CA THR A 80 17.79 -4.70 22.58
C THR A 80 16.50 -5.46 22.33
N SER A 81 15.38 -4.85 22.70
CA SER A 81 14.07 -5.42 22.47
C SER A 81 13.11 -4.32 22.03
N PHE A 82 12.17 -4.71 21.18
CA PHE A 82 11.12 -3.81 20.73
C PHE A 82 10.03 -4.64 20.07
N TRP A 83 8.85 -4.03 19.96
CA TRP A 83 7.74 -4.58 19.19
C TRP A 83 7.63 -3.81 17.89
N ILE A 84 7.30 -4.52 16.80
CA ILE A 84 7.16 -3.90 15.49
C ILE A 84 5.99 -4.52 14.76
N ARG A 85 5.31 -3.69 13.96
CA ARG A 85 4.21 -4.13 13.10
C ARG A 85 4.48 -3.60 11.70
N ILE A 86 4.69 -4.51 10.75
CA ILE A 86 5.21 -4.20 9.44
C ILE A 86 4.09 -4.40 8.42
N PRO A 87 3.60 -3.34 7.77
CA PRO A 87 2.53 -3.52 6.78
C PRO A 87 2.98 -4.38 5.62
N LYS A 88 2.01 -5.03 4.98
CA LYS A 88 2.33 -5.93 3.88
C LYS A 88 2.98 -5.17 2.74
N TYR A 89 4.05 -5.74 2.19
CA TYR A 89 4.66 -5.18 0.99
C TYR A 89 3.75 -5.47 -0.19
N PHE A 90 3.48 -4.44 -1.00
CA PHE A 90 2.62 -4.61 -2.17
C PHE A 90 3.23 -4.10 -3.46
N ASN A 91 4.41 -3.48 -3.42
CA ASN A 91 5.02 -2.87 -4.60
C ASN A 91 6.35 -3.55 -4.88
N SER A 92 6.58 -3.90 -6.15
CA SER A 92 7.79 -4.63 -6.53
C SER A 92 9.05 -3.81 -6.30
N ILE A 93 8.94 -2.50 -6.10
CA ILE A 93 10.10 -1.69 -5.74
C ILE A 93 10.65 -2.07 -4.38
N SER A 94 9.90 -2.83 -3.59
CA SER A 94 10.33 -3.25 -2.26
C SER A 94 11.18 -4.52 -2.29
N LEU A 95 11.12 -5.31 -3.36
CA LEU A 95 12.04 -6.43 -3.49
C LEU A 95 13.47 -5.90 -3.58
N ASN A 96 14.38 -6.58 -2.89
CA ASN A 96 15.79 -6.19 -2.84
C ASN A 96 15.93 -4.69 -2.59
N ASN A 97 15.29 -4.23 -1.50
CA ASN A 97 15.40 -2.84 -1.03
C ASN A 97 15.56 -2.90 0.49
N GLU A 98 16.77 -3.24 0.94
CA GLU A 98 17.05 -3.20 2.37
C GLU A 98 17.10 -1.75 2.83
N TYR A 99 16.43 -1.46 3.94
CA TYR A 99 16.38 -0.11 4.47
C TYR A 99 16.47 -0.15 5.98
N THR A 100 17.26 0.77 6.54
CA THR A 100 17.44 0.88 7.98
C THR A 100 16.20 1.52 8.61
N ILE A 101 15.93 1.14 9.86
CA ILE A 101 14.85 1.76 10.63
C ILE A 101 15.38 2.24 11.98
N ILE A 102 16.41 1.57 12.49
CA ILE A 102 17.05 1.94 13.76
C ILE A 102 18.55 1.94 13.52
N ASN A 103 19.18 3.13 13.55
CA ASN A 103 20.59 3.28 13.22
C ASN A 103 21.37 3.80 14.42
N CYS A 104 22.40 3.05 14.81
CA CYS A 104 23.33 3.46 15.87
C CYS A 104 24.74 3.25 15.33
N MET A 105 25.18 4.17 14.47
CA MET A 105 26.44 4.00 13.77
C MET A 105 27.17 5.32 13.61
N GLU A 106 28.49 5.23 13.49
CA GLU A 106 29.35 6.37 13.16
C GLU A 106 30.42 5.89 12.21
N ASN A 107 30.55 6.60 11.08
CA ASN A 107 31.43 6.18 9.97
C ASN A 107 31.17 4.73 9.61
N ASN A 108 29.90 4.40 9.37
CA ASN A 108 29.45 3.09 8.93
C ASN A 108 29.82 1.97 9.91
N SER A 109 30.19 2.31 11.14
CA SER A 109 30.54 1.33 12.14
C SER A 109 29.60 1.44 13.33
N GLY A 110 29.18 0.29 13.86
CA GLY A 110 28.19 0.25 14.92
C GLY A 110 27.19 -0.87 14.70
N TRP A 111 25.95 -0.66 15.15
CA TRP A 111 24.89 -1.64 14.95
C TRP A 111 23.68 -0.96 14.32
N LYS A 112 22.82 -1.78 13.72
CA LYS A 112 21.60 -1.25 13.11
C LYS A 112 20.57 -2.36 12.99
N VAL A 113 19.30 -1.95 12.94
CA VAL A 113 18.20 -2.81 12.57
C VAL A 113 17.66 -2.32 11.23
N SER A 114 17.48 -3.25 10.30
CA SER A 114 16.98 -2.90 8.97
C SER A 114 15.90 -3.89 8.57
N LEU A 115 15.14 -3.50 7.55
CA LEU A 115 14.09 -4.33 6.99
C LEU A 115 14.32 -4.52 5.51
N ASN A 116 13.81 -5.64 4.99
CA ASN A 116 13.70 -5.89 3.57
C ASN A 116 12.41 -6.66 3.35
N TYR A 117 12.12 -6.96 2.08
CA TYR A 117 10.96 -7.77 1.73
C TYR A 117 10.94 -9.07 2.53
N GLY A 118 10.02 -9.19 3.47
CA GLY A 118 9.91 -10.39 4.28
C GLY A 118 11.10 -10.67 5.17
N GLU A 119 11.74 -9.63 5.69
CA GLU A 119 12.95 -9.82 6.49
C GLU A 119 13.01 -8.78 7.59
N ILE A 120 13.56 -9.20 8.73
CA ILE A 120 14.02 -8.31 9.80
C ILE A 120 15.49 -8.62 10.06
N ILE A 121 16.33 -7.60 10.03
CA ILE A 121 17.77 -7.79 9.92
C ILE A 121 18.48 -7.02 11.04
N TRP A 122 19.41 -7.69 11.72
CA TRP A 122 20.32 -7.07 12.67
C TRP A 122 21.73 -7.13 12.10
N THR A 123 22.45 -6.01 12.13
CA THR A 123 23.78 -5.94 11.53
C THR A 123 24.76 -5.25 12.46
N PHE A 124 25.91 -5.90 12.66
CA PHE A 124 27.09 -5.32 13.30
C PHE A 124 28.14 -5.05 12.24
N GLN A 125 28.92 -3.98 12.41
CA GLN A 125 29.86 -3.58 11.37
C GLN A 125 31.06 -2.88 11.99
N ASP A 126 32.25 -3.45 11.82
CA ASP A 126 33.46 -2.85 12.39
C ASP A 126 33.95 -1.74 11.46
N THR A 127 35.13 -1.20 11.75
CA THR A 127 35.66 -0.07 11.00
C THR A 127 36.36 -0.48 9.72
N GLN A 128 36.47 -1.78 9.44
CA GLN A 128 37.08 -2.28 8.21
C GLN A 128 36.04 -2.78 7.21
N GLU A 129 34.75 -2.54 7.48
CA GLU A 129 33.61 -2.97 6.67
C GLU A 129 33.35 -4.48 6.76
N ILE A 130 33.71 -5.13 7.85
CA ILE A 130 33.37 -6.52 8.06
C ILE A 130 32.01 -6.55 8.76
N LYS A 131 30.98 -6.96 8.03
CA LYS A 131 29.63 -7.03 8.58
C LYS A 131 29.38 -8.40 9.19
N GLN A 132 28.43 -8.44 10.13
CA GLN A 132 27.80 -9.70 10.51
C GLN A 132 26.31 -9.46 10.72
N ARG A 133 25.49 -10.32 10.11
CA ARG A 133 24.04 -10.17 10.13
C ARG A 133 23.39 -11.38 10.77
N VAL A 134 22.28 -11.15 11.47
CA VAL A 134 21.33 -12.20 11.83
C VAL A 134 19.97 -11.76 11.30
N VAL A 135 19.21 -12.72 10.79
CA VAL A 135 18.02 -12.42 9.99
C VAL A 135 16.85 -13.29 10.45
N PHE A 136 15.68 -12.68 10.55
CA PHE A 136 14.42 -13.41 10.63
C PHE A 136 13.69 -13.21 9.31
N LYS A 137 13.25 -14.32 8.71
CA LYS A 137 12.59 -14.29 7.41
C LYS A 137 11.15 -14.77 7.57
N TYR A 138 10.24 -14.09 6.87
CA TYR A 138 8.87 -14.53 6.77
C TYR A 138 8.42 -14.39 5.33
N SER A 139 7.58 -15.32 4.89
CA SER A 139 7.11 -15.36 3.52
C SER A 139 5.82 -14.55 3.39
N GLN A 140 5.60 -14.01 2.20
CA GLN A 140 4.31 -13.42 1.85
C GLN A 140 3.52 -14.32 0.89
N MET A 141 3.99 -15.54 0.65
CA MET A 141 3.28 -16.58 -0.08
C MET A 141 2.77 -17.59 0.93
N ILE A 142 1.60 -17.31 1.50
CA ILE A 142 1.15 -18.01 2.69
C ILE A 142 -0.32 -17.69 2.89
N ASN A 143 -1.12 -18.68 3.30
CA ASN A 143 -2.55 -18.46 3.43
C ASN A 143 -2.86 -17.53 4.61
N ILE A 144 -2.28 -17.82 5.78
CA ILE A 144 -2.41 -16.98 6.96
C ILE A 144 -1.04 -16.87 7.60
N SER A 145 -0.51 -15.65 7.71
CA SER A 145 0.79 -15.41 8.30
C SER A 145 0.65 -14.94 9.73
N ASP A 146 1.55 -15.41 10.60
CA ASP A 146 1.64 -14.90 11.96
C ASP A 146 2.38 -13.57 12.05
N TYR A 147 2.91 -13.06 10.93
CA TYR A 147 3.83 -11.93 10.99
C TYR A 147 3.42 -10.75 10.13
N ILE A 148 2.87 -10.96 8.94
CA ILE A 148 2.52 -9.85 8.06
C ILE A 148 1.52 -8.95 8.76
N ASN A 149 1.93 -7.70 9.02
CA ASN A 149 1.08 -6.65 9.59
C ASN A 149 0.60 -6.97 11.00
N ARG A 150 1.25 -7.91 11.69
CA ARG A 150 0.89 -8.26 13.04
C ARG A 150 2.05 -7.95 13.98
N TRP A 151 1.72 -7.65 15.25
CA TRP A 151 2.75 -7.25 16.20
C TRP A 151 3.74 -8.37 16.44
N ILE A 152 5.02 -8.05 16.29
CA ILE A 152 6.12 -9.00 16.43
C ILE A 152 7.02 -8.50 17.54
N PHE A 153 7.37 -9.37 18.48
CA PHE A 153 8.32 -9.03 19.54
C PHE A 153 9.72 -9.47 19.11
N VAL A 154 10.62 -8.51 18.97
CA VAL A 154 11.98 -8.73 18.51
C VAL A 154 12.92 -8.53 19.67
N THR A 155 13.88 -9.45 19.82
CA THR A 155 14.95 -9.30 20.78
C THR A 155 16.26 -9.75 20.14
N ILE A 156 17.30 -8.93 20.28
CA ILE A 156 18.64 -9.27 19.82
C ILE A 156 19.58 -9.20 21.01
N THR A 157 20.41 -10.22 21.18
CA THR A 157 21.40 -10.26 22.24
C THR A 157 22.78 -10.33 21.61
N ASN A 158 23.76 -9.70 22.25
CA ASN A 158 25.10 -9.58 21.68
C ASN A 158 26.15 -9.87 22.73
N ASN A 159 27.03 -10.82 22.44
CA ASN A 159 28.22 -11.10 23.24
C ASN A 159 29.38 -11.18 22.25
N ARG A 160 30.29 -10.21 22.31
CA ARG A 160 31.34 -10.12 21.30
C ARG A 160 32.30 -11.29 21.35
N ILE A 161 32.32 -12.05 22.45
CA ILE A 161 33.12 -13.26 22.48
C ILE A 161 32.44 -14.37 21.70
N THR A 162 31.11 -14.49 21.82
CA THR A 162 30.37 -15.60 21.24
C THR A 162 29.56 -15.09 20.06
N LYS A 163 28.25 -14.87 20.21
CA LYS A 163 27.37 -14.74 19.06
C LYS A 163 26.37 -13.60 19.24
N SER A 164 25.84 -13.12 18.11
CA SER A 164 24.64 -12.31 18.06
C SER A 164 23.45 -13.21 17.77
N LYS A 165 22.35 -12.98 18.48
CA LYS A 165 21.17 -13.84 18.40
C LYS A 165 19.92 -12.99 18.26
N ILE A 166 19.07 -13.32 17.29
CA ILE A 166 17.79 -12.65 17.10
C ILE A 166 16.68 -13.61 17.52
N TYR A 167 15.79 -13.13 18.39
CA TYR A 167 14.64 -13.89 18.87
C TYR A 167 13.36 -13.25 18.35
N ILE A 168 12.42 -14.08 17.90
CA ILE A 168 11.12 -13.63 17.43
C ILE A 168 10.05 -14.23 18.33
N ASN A 169 9.29 -13.36 19.00
CA ASN A 169 8.24 -13.77 19.93
C ASN A 169 8.79 -14.75 20.96
N GLY A 170 9.93 -14.39 21.55
CA GLY A 170 10.57 -15.15 22.60
C GLY A 170 11.31 -16.40 22.16
N ARG A 171 11.43 -16.63 20.85
CA ARG A 171 11.94 -17.90 20.32
C ARG A 171 13.18 -17.63 19.48
N LEU A 172 14.24 -18.41 19.71
CA LEU A 172 15.48 -18.20 18.99
C LEU A 172 15.33 -18.56 17.52
N ILE A 173 15.69 -17.62 16.65
CA ILE A 173 15.57 -17.78 15.20
C ILE A 173 16.94 -18.01 14.57
N ASP A 174 17.84 -17.03 14.69
CA ASP A 174 19.13 -17.08 14.00
C ASP A 174 20.22 -16.67 14.98
N GLN A 175 21.44 -17.17 14.74
CA GLN A 175 22.57 -16.85 15.59
C GLN A 175 23.84 -16.99 14.77
N LYS A 176 24.74 -16.02 14.91
CA LYS A 176 25.98 -16.01 14.16
C LYS A 176 27.12 -15.54 15.06
N PRO A 177 28.33 -16.08 14.88
CA PRO A 177 29.45 -15.65 15.72
C PRO A 177 29.91 -14.24 15.35
N ILE A 178 30.34 -13.48 16.36
CA ILE A 178 30.77 -12.11 16.14
C ILE A 178 32.14 -11.87 16.77
N SER A 179 32.91 -12.94 16.94
CA SER A 179 34.26 -12.80 17.48
C SER A 179 35.29 -12.44 16.42
N ASN A 180 34.96 -12.64 15.15
CA ASN A 180 35.85 -12.28 14.04
C ASN A 180 35.57 -10.87 13.53
N LEU A 181 35.54 -9.91 14.46
CA LEU A 181 35.20 -8.53 14.15
C LEU A 181 36.24 -7.59 14.76
N GLY A 182 36.61 -6.57 13.99
CA GLY A 182 37.57 -5.59 14.46
C GLY A 182 36.99 -4.62 15.47
N ASN A 183 37.33 -3.33 15.33
CA ASN A 183 36.86 -2.30 16.25
C ASN A 183 35.51 -1.78 15.78
N ILE A 184 34.53 -1.78 16.69
CA ILE A 184 33.19 -1.29 16.41
C ILE A 184 33.00 0.01 17.20
N HIS A 185 32.75 1.10 16.48
CA HIS A 185 32.51 2.39 17.12
C HIS A 185 31.25 2.34 17.97
N ALA A 186 31.21 3.16 19.02
CA ALA A 186 30.09 3.21 19.96
C ALA A 186 29.45 4.59 19.86
N SER A 187 28.37 4.68 19.10
CA SER A 187 27.70 5.96 18.89
C SER A 187 26.85 6.32 20.09
N ASN A 188 26.75 7.62 20.35
CA ASN A 188 25.88 8.16 21.39
C ASN A 188 24.49 8.47 20.87
N LYS A 189 24.20 8.17 19.60
CA LYS A 189 22.95 8.55 18.97
C LYS A 189 22.30 7.33 18.34
N ILE A 190 20.99 7.19 18.55
CA ILE A 190 20.18 6.16 17.91
C ILE A 190 19.13 6.88 17.08
N MET A 191 19.09 6.59 15.78
CA MET A 191 18.19 7.26 14.85
C MET A 191 17.08 6.30 14.44
N PHE A 192 15.84 6.65 14.79
CA PHE A 192 14.66 5.91 14.33
C PHE A 192 14.14 6.61 13.09
N LYS A 193 14.24 5.95 11.94
CA LYS A 193 13.94 6.56 10.66
C LYS A 193 14.05 5.54 9.53
N LEU A 194 13.07 5.54 8.61
CA LEU A 194 13.19 4.74 7.40
C LEU A 194 14.23 5.39 6.50
N ASP A 195 15.38 4.72 6.34
CA ASP A 195 16.56 5.28 5.69
C ASP A 195 16.84 4.47 4.43
N GLY A 196 16.55 5.05 3.28
CA GLY A 196 16.78 4.38 2.02
C GLY A 196 15.67 3.47 1.54
N CYS A 197 14.42 3.78 1.90
CA CYS A 197 13.27 2.98 1.50
C CYS A 197 12.65 3.59 0.25
N ARG A 198 12.53 2.79 -0.81
CA ARG A 198 12.01 3.29 -2.08
C ARG A 198 10.50 3.17 -2.20
N ASP A 199 9.84 2.52 -1.24
CA ASP A 199 8.39 2.48 -1.19
C ASP A 199 7.87 3.74 -0.51
N PRO A 200 7.30 4.69 -1.26
CA PRO A 200 6.87 5.95 -0.63
C PRO A 200 5.77 5.78 0.40
N HIS A 201 4.97 4.72 0.30
CA HIS A 201 3.89 4.48 1.25
C HIS A 201 4.28 3.55 2.38
N ARG A 202 5.56 3.19 2.47
CA ARG A 202 6.03 2.32 3.54
C ARG A 202 5.94 3.02 4.88
N TYR A 203 5.63 2.26 5.92
CA TYR A 203 5.72 2.75 7.29
C TYR A 203 6.02 1.57 8.21
N ILE A 204 6.32 1.87 9.46
CA ILE A 204 6.39 0.88 10.53
C ILE A 204 5.63 1.42 11.72
N VAL A 205 5.25 0.51 12.62
CA VAL A 205 4.76 0.87 13.94
C VAL A 205 5.61 0.11 14.96
N ILE A 206 6.13 0.83 15.94
CA ILE A 206 6.95 0.23 16.98
C ILE A 206 6.44 0.66 18.35
N LYS A 207 6.85 -0.08 19.37
CA LYS A 207 6.57 0.30 20.74
C LYS A 207 7.57 -0.39 21.65
N TYR A 208 7.80 0.23 22.81
CA TYR A 208 8.59 -0.34 23.90
C TYR A 208 10.00 -0.72 23.42
N PHE A 209 10.71 0.25 22.86
CA PHE A 209 12.10 0.02 22.50
C PHE A 209 12.95 0.05 23.76
N ASN A 210 13.76 -0.98 23.95
CA ASN A 210 14.57 -1.11 25.15
C ASN A 210 16.03 -1.43 24.78
N LEU A 211 16.95 -0.87 25.56
CA LEU A 211 18.37 -1.14 25.46
C LEU A 211 18.84 -1.67 26.81
N PHE A 212 19.53 -2.80 26.81
CA PHE A 212 19.98 -3.45 28.04
C PHE A 212 21.49 -3.61 28.02
N ASP A 213 22.11 -3.43 29.18
CA ASP A 213 23.57 -3.51 29.28
C ASP A 213 24.07 -4.93 29.52
N LYS A 214 23.37 -5.95 29.02
CA LYS A 214 23.77 -7.33 29.22
C LYS A 214 23.15 -8.19 28.13
N GLU A 215 23.69 -9.40 27.99
CA GLU A 215 23.17 -10.40 27.07
C GLU A 215 22.09 -11.20 27.80
N LEU A 216 20.84 -10.90 27.51
CA LEU A 216 19.73 -11.57 28.17
C LEU A 216 19.69 -13.05 27.79
N SER A 217 19.24 -13.87 28.74
CA SER A 217 19.09 -15.30 28.53
C SER A 217 17.79 -15.60 27.80
N GLU A 218 17.61 -16.87 27.43
CA GLU A 218 16.32 -17.32 26.91
C GLU A 218 15.21 -17.05 27.92
N LYS A 219 15.47 -17.36 29.20
CA LYS A 219 14.46 -17.20 30.23
C LYS A 219 14.02 -15.74 30.38
N GLU A 220 14.99 -14.84 30.46
CA GLU A 220 14.66 -13.42 30.61
C GLU A 220 13.89 -12.91 29.39
N ILE A 221 14.22 -13.40 28.20
CA ILE A 221 13.53 -12.98 26.99
C ILE A 221 12.08 -13.45 27.02
N LYS A 222 11.86 -14.72 27.36
CA LYS A 222 10.50 -15.25 27.48
C LYS A 222 9.68 -14.43 28.47
N ASP A 223 10.23 -14.20 29.67
CA ASP A 223 9.50 -13.45 30.69
C ASP A 223 9.24 -12.01 30.25
N LEU A 224 10.14 -11.42 29.47
CA LEU A 224 9.90 -10.08 28.96
C LEU A 224 8.79 -10.08 27.91
N TYR A 225 8.78 -11.10 27.04
CA TYR A 225 7.72 -11.24 26.05
C TYR A 225 6.35 -11.39 26.73
N ASP A 226 6.29 -12.16 27.81
CA ASP A 226 5.00 -12.41 28.46
C ASP A 226 4.47 -11.18 29.17
N ASN A 227 5.34 -10.45 29.86
CA ASN A 227 4.89 -9.26 30.59
C ASN A 227 4.36 -8.20 29.64
N GLN A 228 5.11 -7.91 28.58
CA GLN A 228 4.67 -6.90 27.62
C GLN A 228 3.53 -7.38 26.73
N SER A 229 3.13 -8.66 26.84
CA SER A 229 2.03 -9.21 26.06
C SER A 229 0.65 -8.88 26.64
N ASN A 230 0.59 -8.36 27.88
CA ASN A 230 -0.66 -8.05 28.56
C ASN A 230 -1.70 -9.15 28.39
N SER A 231 -1.44 -10.32 28.98
CA SER A 231 -2.25 -11.51 28.73
C SER A 231 -3.66 -11.41 29.27
N GLY A 232 -3.96 -10.43 30.12
CA GLY A 232 -5.32 -10.25 30.61
C GLY A 232 -6.20 -9.41 29.72
N ILE A 233 -5.64 -8.84 28.66
CA ILE A 233 -6.39 -8.08 27.67
C ILE A 233 -6.49 -8.91 26.40
N LEU A 234 -7.69 -9.01 25.84
CA LEU A 234 -7.85 -9.74 24.59
C LEU A 234 -7.30 -8.91 23.43
N LYS A 235 -6.77 -9.61 22.43
CA LYS A 235 -6.17 -9.00 21.26
C LYS A 235 -6.98 -9.30 20.01
N ASP A 236 -6.95 -8.39 19.05
CA ASP A 236 -7.48 -8.72 17.74
C ASP A 236 -6.40 -9.45 16.93
N PHE A 237 -6.70 -9.71 15.66
CA PHE A 237 -5.80 -10.49 14.80
C PHE A 237 -4.45 -9.81 14.67
N TRP A 238 -4.42 -8.48 14.61
CA TRP A 238 -3.16 -7.78 14.43
C TRP A 238 -2.36 -7.66 15.73
N GLY A 239 -2.92 -8.05 16.86
CA GLY A 239 -2.24 -7.90 18.13
C GLY A 239 -2.55 -6.62 18.87
N ASP A 240 -3.44 -5.78 18.34
CA ASP A 240 -3.92 -4.65 19.10
C ASP A 240 -4.97 -5.11 20.12
N TYR A 241 -5.36 -4.20 21.01
CA TYR A 241 -6.37 -4.50 22.00
C TYR A 241 -7.73 -4.74 21.33
N LEU A 242 -8.39 -5.83 21.70
CA LEU A 242 -9.75 -6.06 21.24
C LEU A 242 -10.69 -5.03 21.88
N GLN A 243 -11.66 -4.55 21.11
CA GLN A 243 -12.44 -3.39 21.51
C GLN A 243 -13.94 -3.63 21.36
N TYR A 244 -14.70 -2.88 22.16
CA TYR A 244 -16.16 -2.86 22.06
C TYR A 244 -16.61 -1.94 20.94
N ASP A 245 -17.81 -2.19 20.44
CA ASP A 245 -18.44 -1.37 19.40
C ASP A 245 -17.58 -1.25 18.15
N LYS A 246 -16.80 -2.29 17.86
CA LYS A 246 -15.91 -2.31 16.71
C LYS A 246 -16.20 -3.53 15.84
N SER A 247 -16.27 -3.32 14.53
CA SER A 247 -16.64 -4.37 13.60
C SER A 247 -15.45 -5.28 13.30
N TYR A 248 -15.69 -6.59 13.31
CA TYR A 248 -14.62 -7.57 13.12
C TYR A 248 -15.07 -8.67 12.15
N TYR A 249 -14.26 -8.94 11.15
CA TYR A 249 -14.39 -10.18 10.40
C TYR A 249 -13.80 -11.32 11.23
N MET A 250 -14.44 -12.49 11.15
CA MET A 250 -14.10 -13.62 12.00
C MET A 250 -13.32 -14.67 11.23
N LEU A 251 -12.25 -15.17 11.85
CA LEU A 251 -11.41 -16.22 11.29
C LEU A 251 -11.35 -17.37 12.28
N ASN A 252 -11.78 -18.56 11.86
CA ASN A 252 -11.70 -19.74 12.70
C ASN A 252 -10.34 -20.41 12.49
N LEU A 253 -9.59 -20.55 13.57
CA LEU A 253 -8.22 -21.06 13.46
C LEU A 253 -8.16 -22.55 13.17
N TYR A 254 -9.24 -23.30 13.43
CA TYR A 254 -9.26 -24.70 13.04
C TYR A 254 -9.50 -24.87 11.55
N ASP A 255 -10.25 -23.96 10.93
CA ASP A 255 -10.59 -24.03 9.52
C ASP A 255 -10.51 -22.63 8.91
N PRO A 256 -9.30 -22.13 8.69
CA PRO A 256 -9.15 -20.73 8.26
C PRO A 256 -9.62 -20.45 6.84
N ASN A 257 -9.79 -21.47 6.00
CA ASN A 257 -10.29 -21.24 4.64
C ASN A 257 -11.81 -21.18 4.63
N LYS A 258 -12.40 -20.64 5.69
CA LYS A 258 -13.84 -20.45 5.81
C LYS A 258 -14.12 -19.06 6.37
N TYR A 259 -15.35 -18.60 6.17
CA TYR A 259 -15.82 -17.35 6.75
C TYR A 259 -17.25 -17.54 7.22
N VAL A 260 -17.66 -16.69 8.16
CA VAL A 260 -18.97 -16.82 8.79
C VAL A 260 -20.03 -16.24 7.86
N ASP A 261 -21.13 -16.97 7.70
CA ASP A 261 -22.30 -16.51 6.98
C ASP A 261 -23.53 -16.82 7.81
N VAL A 262 -24.65 -16.19 7.46
CA VAL A 262 -25.93 -16.46 8.11
C VAL A 262 -26.89 -17.01 7.07
N ASN A 263 -27.51 -18.15 7.39
CA ASN A 263 -28.54 -18.76 6.57
C ASN A 263 -29.75 -17.82 6.50
N ASN A 264 -30.41 -17.65 7.64
CA ASN A 264 -31.49 -16.69 7.80
C ASN A 264 -31.40 -16.11 9.20
N VAL A 265 -31.85 -14.86 9.36
CA VAL A 265 -31.98 -14.32 10.71
C VAL A 265 -33.20 -14.96 11.38
N GLY A 266 -33.21 -14.90 12.70
CA GLY A 266 -34.29 -15.48 13.48
C GLY A 266 -33.93 -16.85 14.00
N ILE A 267 -34.82 -17.37 14.86
CA ILE A 267 -34.56 -18.62 15.55
C ILE A 267 -34.61 -19.82 14.60
N ARG A 268 -35.24 -19.68 13.44
CA ARG A 268 -35.24 -20.77 12.47
C ARG A 268 -33.98 -20.80 11.61
N GLY A 269 -33.08 -19.83 11.77
CA GLY A 269 -31.85 -19.79 11.02
C GLY A 269 -30.64 -20.21 11.85
N TYR A 270 -29.47 -20.14 11.22
CA TYR A 270 -28.23 -20.50 11.87
C TYR A 270 -27.07 -19.79 11.22
N MET A 271 -25.96 -19.72 11.95
CA MET A 271 -24.70 -19.23 11.42
C MET A 271 -23.80 -20.42 11.10
N TYR A 272 -22.93 -20.26 10.12
CA TYR A 272 -22.16 -21.39 9.64
C TYR A 272 -20.92 -20.91 8.92
N LEU A 273 -19.96 -21.84 8.80
CA LEU A 273 -18.69 -21.56 8.12
C LEU A 273 -18.80 -21.97 6.66
N LYS A 274 -18.63 -21.00 5.77
CA LYS A 274 -18.76 -21.19 4.33
C LYS A 274 -17.41 -20.97 3.67
N GLY A 275 -17.09 -21.80 2.68
CA GLY A 275 -15.82 -21.69 2.00
C GLY A 275 -15.94 -21.91 0.50
N PRO A 276 -14.84 -21.71 -0.22
CA PRO A 276 -13.56 -21.25 0.34
C PRO A 276 -13.48 -19.73 0.43
N ARG A 277 -12.43 -19.23 1.08
CA ARG A 277 -12.12 -17.82 0.99
C ARG A 277 -11.50 -17.50 -0.37
N ASP A 278 -11.74 -16.28 -0.84
CA ASP A 278 -11.03 -15.80 -2.01
C ASP A 278 -9.56 -15.57 -1.66
N ASN A 279 -8.73 -15.53 -2.69
CA ASN A 279 -7.34 -15.13 -2.54
C ASN A 279 -7.19 -13.65 -2.87
N VAL A 280 -6.22 -13.02 -2.22
CA VAL A 280 -5.72 -11.71 -2.61
C VAL A 280 -4.28 -11.87 -3.07
N MET A 281 -3.90 -11.15 -4.12
CA MET A 281 -2.59 -11.38 -4.68
C MET A 281 -2.07 -10.13 -5.38
N THR A 282 -0.75 -10.03 -5.44
CA THR A 282 -0.03 -9.20 -6.39
C THR A 282 1.14 -10.02 -6.88
N THR A 283 1.21 -10.23 -8.20
CA THR A 283 2.16 -11.15 -8.82
C THR A 283 3.57 -10.94 -8.29
N ASN A 284 4.14 -12.00 -7.71
CA ASN A 284 5.50 -12.05 -7.19
C ASN A 284 5.70 -11.21 -5.93
N ILE A 285 4.63 -10.79 -5.26
CA ILE A 285 4.76 -10.03 -4.03
C ILE A 285 4.01 -10.70 -2.87
N TYR A 286 2.78 -11.15 -3.11
CA TYR A 286 2.06 -11.87 -2.06
C TYR A 286 0.95 -12.71 -2.66
N LEU A 287 0.56 -13.74 -1.91
CA LEU A 287 -0.60 -14.56 -2.22
C LEU A 287 -1.15 -15.04 -0.88
N ASN A 288 -2.31 -14.52 -0.50
CA ASN A 288 -2.89 -14.81 0.81
C ASN A 288 -4.38 -15.04 0.68
N SER A 289 -4.95 -15.67 1.69
CA SER A 289 -6.41 -15.73 1.81
C SER A 289 -6.93 -14.32 2.09
N SER A 290 -8.08 -14.01 1.51
CA SER A 290 -8.76 -12.77 1.86
C SER A 290 -9.20 -12.82 3.32
N LEU A 291 -8.95 -11.74 4.05
CA LEU A 291 -9.33 -11.65 5.45
C LEU A 291 -10.63 -10.90 5.67
N TYR A 292 -10.98 -9.99 4.77
CA TYR A 292 -12.15 -9.12 4.94
C TYR A 292 -13.37 -9.77 4.30
N MET A 293 -13.80 -10.88 4.89
CA MET A 293 -14.87 -11.67 4.31
C MET A 293 -15.87 -12.10 5.38
N GLY A 294 -17.14 -12.07 5.01
CA GLY A 294 -18.16 -12.72 5.80
C GLY A 294 -18.86 -11.80 6.78
N THR A 295 -19.62 -12.47 7.64
CA THR A 295 -20.49 -11.80 8.60
C THR A 295 -19.67 -11.19 9.73
N LYS A 296 -19.83 -9.89 9.96
CA LYS A 296 -19.02 -9.19 10.95
C LYS A 296 -19.64 -9.27 12.33
N PHE A 297 -18.79 -9.49 13.33
CA PHE A 297 -19.20 -9.52 14.74
C PHE A 297 -18.89 -8.18 15.39
N ILE A 298 -19.73 -7.80 16.36
CA ILE A 298 -19.52 -6.62 17.18
C ILE A 298 -19.73 -7.03 18.64
N ILE A 299 -18.78 -6.67 19.49
CA ILE A 299 -18.85 -7.00 20.91
C ILE A 299 -19.50 -5.84 21.65
N LYS A 300 -20.56 -6.14 22.41
CA LYS A 300 -21.30 -5.14 23.16
C LYS A 300 -21.14 -5.38 24.65
N LYS A 301 -21.00 -4.29 25.40
CA LYS A 301 -20.88 -4.40 26.85
C LYS A 301 -22.14 -4.97 27.46
N TYR A 302 -21.98 -5.90 28.39
CA TYR A 302 -23.06 -6.30 29.28
C TYR A 302 -22.75 -5.94 30.73
N ALA A 303 -21.62 -6.38 31.27
CA ALA A 303 -21.31 -6.13 32.66
C ALA A 303 -19.91 -5.56 32.90
N SER A 304 -19.16 -5.22 31.86
CA SER A 304 -17.90 -4.53 32.08
C SER A 304 -18.18 -3.15 32.65
N GLY A 305 -17.55 -2.85 33.79
CA GLY A 305 -17.71 -1.54 34.40
C GLY A 305 -16.61 -0.58 34.01
N ASN A 306 -15.51 -1.12 33.48
CA ASN A 306 -14.41 -0.27 33.03
C ASN A 306 -14.90 0.69 31.96
N LYS A 307 -14.56 1.98 32.13
CA LYS A 307 -15.17 3.00 31.28
C LYS A 307 -14.64 2.95 29.85
N ASP A 308 -13.43 2.46 29.63
CA ASP A 308 -12.86 2.46 28.28
C ASP A 308 -13.50 1.35 27.45
N ASN A 309 -13.07 1.24 26.19
CA ASN A 309 -13.66 0.32 25.23
C ASN A 309 -12.80 -0.92 24.98
N ILE A 310 -12.00 -1.34 25.97
CA ILE A 310 -11.08 -2.45 25.82
C ILE A 310 -11.69 -3.69 26.44
N VAL A 311 -11.60 -4.82 25.71
CA VAL A 311 -12.18 -6.09 26.15
C VAL A 311 -11.14 -6.85 26.97
N ARG A 312 -11.50 -7.20 28.20
CA ARG A 312 -10.58 -7.84 29.12
C ARG A 312 -11.05 -9.25 29.46
N ASN A 313 -10.11 -10.08 29.90
CA ASN A 313 -10.41 -11.43 30.32
C ASN A 313 -11.50 -11.43 31.37
N ASN A 314 -12.49 -12.30 31.18
CA ASN A 314 -13.67 -12.51 32.02
C ASN A 314 -14.75 -11.43 31.84
N ASP A 315 -14.55 -10.46 30.95
CA ASP A 315 -15.65 -9.55 30.62
C ASP A 315 -16.84 -10.36 30.11
N ARG A 316 -18.03 -9.92 30.48
CA ARG A 316 -19.27 -10.59 30.09
C ARG A 316 -20.03 -9.66 29.15
N VAL A 317 -20.33 -10.16 27.95
CA VAL A 317 -20.67 -9.32 26.82
C VAL A 317 -21.85 -9.92 26.06
N TYR A 318 -22.44 -9.10 25.20
CA TYR A 318 -23.29 -9.54 24.11
C TYR A 318 -22.48 -9.54 22.82
N ILE A 319 -22.83 -10.44 21.92
CA ILE A 319 -22.24 -10.45 20.58
C ILE A 319 -23.32 -10.05 19.59
N ASN A 320 -23.07 -8.97 18.87
CA ASN A 320 -23.95 -8.57 17.79
C ASN A 320 -23.38 -9.02 16.45
N VAL A 321 -24.28 -9.30 15.51
CA VAL A 321 -23.95 -9.95 14.25
C VAL A 321 -24.55 -9.11 13.13
N VAL A 322 -23.71 -8.67 12.19
CA VAL A 322 -24.15 -7.75 11.14
C VAL A 322 -24.58 -8.55 9.92
N VAL A 323 -25.85 -8.41 9.54
CA VAL A 323 -26.38 -8.98 8.31
C VAL A 323 -27.08 -7.88 7.53
N LYS A 324 -26.54 -7.57 6.35
CA LYS A 324 -27.10 -6.56 5.46
C LYS A 324 -27.25 -5.21 6.18
N ASN A 325 -26.17 -4.80 6.83
CA ASN A 325 -26.07 -3.48 7.48
C ASN A 325 -27.07 -3.33 8.61
N LYS A 326 -27.46 -4.44 9.24
CA LYS A 326 -28.35 -4.42 10.39
C LYS A 326 -27.81 -5.36 11.44
N GLU A 327 -27.92 -4.98 12.70
CA GLU A 327 -27.32 -5.75 13.77
C GLU A 327 -28.33 -6.70 14.41
N TYR A 328 -27.88 -7.92 14.67
CA TYR A 328 -28.68 -8.97 15.29
C TYR A 328 -27.90 -9.51 16.48
N ARG A 329 -28.58 -10.28 17.33
CA ARG A 329 -28.00 -10.77 18.58
C ARG A 329 -27.65 -12.25 18.44
N LEU A 330 -26.40 -12.59 18.68
CA LEU A 330 -26.00 -13.99 18.76
C LEU A 330 -26.63 -14.62 20.00
N ALA A 331 -27.34 -15.73 19.82
CA ALA A 331 -28.05 -16.36 20.91
C ALA A 331 -28.39 -17.80 20.52
N THR A 332 -28.80 -18.57 21.53
CA THR A 332 -29.26 -19.93 21.28
C THR A 332 -30.27 -20.32 22.36
N ASN A 333 -31.10 -21.30 22.02
CA ASN A 333 -31.96 -21.97 22.98
C ASN A 333 -31.20 -23.18 23.50
N ALA A 334 -30.68 -23.09 24.72
CA ALA A 334 -29.85 -24.16 25.26
C ALA A 334 -30.63 -25.42 25.58
N SER A 335 -31.97 -25.38 25.50
CA SER A 335 -32.78 -26.55 25.81
C SER A 335 -32.87 -27.54 24.65
N GLN A 336 -32.35 -27.19 23.48
CA GLN A 336 -32.33 -28.14 22.37
C GLN A 336 -31.49 -29.36 22.76
N ALA A 337 -31.88 -30.52 22.23
CA ALA A 337 -31.23 -31.76 22.60
C ALA A 337 -29.85 -31.85 21.98
N GLY A 338 -28.92 -32.45 22.72
CA GLY A 338 -27.54 -32.57 22.29
C GLY A 338 -26.66 -31.52 22.93
N VAL A 339 -25.36 -31.84 23.03
CA VAL A 339 -24.45 -30.88 23.66
C VAL A 339 -24.08 -29.74 22.71
N GLU A 340 -24.25 -29.92 21.40
CA GLU A 340 -24.02 -28.84 20.44
C GLU A 340 -25.27 -27.98 20.38
N LYS A 341 -25.15 -26.73 20.82
CA LYS A 341 -26.26 -25.77 20.78
C LYS A 341 -26.06 -24.88 19.56
N ILE A 342 -26.85 -25.12 18.52
CA ILE A 342 -26.73 -24.35 17.29
C ILE A 342 -27.08 -22.89 17.57
N LEU A 343 -26.23 -21.98 17.08
CA LEU A 343 -26.40 -20.56 17.34
C LEU A 343 -27.27 -19.91 16.27
N SER A 344 -28.03 -18.90 16.69
CA SER A 344 -28.87 -18.12 15.80
C SER A 344 -28.53 -16.64 15.90
N ALA A 345 -28.97 -15.88 14.91
CA ALA A 345 -28.86 -14.42 14.90
C ALA A 345 -30.26 -13.87 14.99
N LEU A 346 -30.62 -13.35 16.17
CA LEU A 346 -31.98 -12.95 16.47
C LEU A 346 -32.14 -11.44 16.39
N GLU A 347 -33.33 -11.02 15.96
CA GLU A 347 -33.75 -9.65 16.21
C GLU A 347 -33.60 -9.35 17.70
N ILE A 348 -32.87 -8.26 17.99
CA ILE A 348 -32.57 -7.93 19.39
C ILE A 348 -33.83 -7.88 20.25
N PRO A 349 -34.96 -7.33 19.80
CA PRO A 349 -36.16 -7.39 20.66
C PRO A 349 -36.64 -8.80 20.98
N ASP A 350 -36.34 -9.80 20.14
CA ASP A 350 -36.90 -11.14 20.29
C ASP A 350 -36.03 -12.08 21.11
N VAL A 351 -34.97 -11.61 21.76
CA VAL A 351 -34.07 -12.55 22.41
C VAL A 351 -34.73 -13.20 23.62
N GLY A 352 -35.55 -12.45 24.35
CA GLY A 352 -36.25 -13.02 25.50
C GLY A 352 -35.30 -13.59 26.53
N ASN A 353 -35.59 -14.81 26.98
CA ASN A 353 -34.75 -15.50 27.95
C ASN A 353 -33.78 -16.47 27.30
N LEU A 354 -33.58 -16.38 25.99
CA LEU A 354 -32.59 -17.20 25.33
C LEU A 354 -31.19 -16.78 25.78
N SER A 355 -30.26 -17.72 25.70
CA SER A 355 -28.92 -17.49 26.21
C SER A 355 -28.12 -16.65 25.24
N GLN A 356 -27.41 -15.65 25.78
CA GLN A 356 -26.74 -14.68 24.93
C GLN A 356 -25.50 -14.07 25.61
N VAL A 357 -25.37 -14.24 26.91
CA VAL A 357 -24.26 -13.64 27.66
C VAL A 357 -23.00 -14.45 27.42
N VAL A 358 -21.94 -13.80 26.96
CA VAL A 358 -20.70 -14.44 26.56
C VAL A 358 -19.58 -13.97 27.47
N VAL A 359 -18.83 -14.91 28.05
CA VAL A 359 -17.65 -14.59 28.83
C VAL A 359 -16.45 -14.58 27.90
N MET A 360 -15.80 -13.43 27.76
CA MET A 360 -14.63 -13.32 26.91
C MET A 360 -13.39 -13.83 27.63
N LYS A 361 -12.60 -14.66 26.95
CA LYS A 361 -11.49 -15.38 27.56
C LYS A 361 -10.21 -15.14 26.77
N SER A 362 -9.13 -14.83 27.49
CA SER A 362 -7.78 -14.86 26.92
C SER A 362 -6.90 -15.90 27.59
N LYS A 363 -7.19 -16.25 28.85
CA LYS A 363 -6.42 -17.22 29.61
C LYS A 363 -7.32 -17.77 30.69
N ASN A 364 -6.85 -18.82 31.37
CA ASN A 364 -7.63 -19.40 32.47
C ASN A 364 -7.10 -18.95 33.82
N GLY A 367 -3.24 -19.73 34.57
CA GLY A 367 -2.98 -18.56 33.75
C GLY A 367 -2.54 -18.92 32.35
N ILE A 368 -3.03 -20.04 31.85
CA ILE A 368 -2.65 -20.54 30.54
C ILE A 368 -3.51 -19.88 29.49
N THR A 369 -2.88 -19.14 28.58
CA THR A 369 -3.61 -18.46 27.52
C THR A 369 -4.18 -19.46 26.52
N ASN A 370 -5.36 -19.15 25.99
CA ASN A 370 -6.03 -20.02 25.03
C ASN A 370 -6.70 -19.16 23.96
N LYS A 371 -6.75 -19.69 22.74
CA LYS A 371 -7.36 -18.96 21.63
C LYS A 371 -8.87 -19.09 21.57
N CYS A 372 -9.48 -19.90 22.45
CA CYS A 372 -10.94 -20.00 22.49
C CYS A 372 -11.48 -18.84 23.31
N LYS A 373 -12.16 -17.90 22.64
CA LYS A 373 -12.40 -16.57 23.17
C LYS A 373 -13.76 -16.37 23.81
N MET A 374 -14.75 -17.21 23.51
CA MET A 374 -16.15 -16.88 23.82
C MET A 374 -16.83 -18.07 24.48
N ASN A 375 -17.12 -17.93 25.78
CA ASN A 375 -17.81 -18.96 26.57
C ASN A 375 -19.24 -18.50 26.83
N LEU A 376 -20.19 -19.09 26.12
CA LEU A 376 -21.58 -18.69 26.26
C LEU A 376 -22.18 -19.22 27.57
N GLN A 377 -23.00 -18.39 28.20
CA GLN A 377 -23.64 -18.74 29.45
C GLN A 377 -25.14 -18.57 29.34
N ASP A 378 -25.88 -19.31 30.17
CA ASP A 378 -27.31 -19.05 30.30
C ASP A 378 -27.51 -17.94 31.32
N ASN A 379 -28.76 -17.62 31.61
CA ASN A 379 -29.08 -16.51 32.50
C ASN A 379 -29.10 -16.91 33.97
N ASN A 380 -28.56 -18.09 34.31
CA ASN A 380 -28.39 -18.50 35.69
C ASN A 380 -26.92 -18.78 36.02
N GLY A 381 -26.00 -18.24 35.23
CA GLY A 381 -24.58 -18.38 35.50
C GLY A 381 -23.95 -19.67 35.03
N ASN A 382 -24.67 -20.50 34.29
CA ASN A 382 -24.18 -21.82 33.92
C ASN A 382 -23.53 -21.79 32.55
N ASP A 383 -22.37 -22.44 32.43
CA ASP A 383 -21.71 -22.61 31.14
C ASP A 383 -22.63 -23.35 30.18
N ILE A 384 -22.74 -22.82 28.96
CA ILE A 384 -23.38 -23.57 27.88
C ILE A 384 -22.28 -24.09 26.98
N GLY A 385 -21.19 -23.36 26.87
CA GLY A 385 -20.01 -23.84 26.20
C GLY A 385 -19.31 -22.75 25.41
N PHE A 386 -18.06 -23.02 25.04
CA PHE A 386 -17.34 -22.14 24.15
C PHE A 386 -17.98 -22.18 22.76
N ILE A 387 -17.90 -21.05 22.06
CA ILE A 387 -18.49 -20.90 20.75
C ILE A 387 -17.53 -21.43 19.70
N GLY A 388 -17.94 -22.46 18.97
CA GLY A 388 -17.16 -23.02 17.89
C GLY A 388 -18.05 -23.46 16.75
N PHE A 389 -17.85 -24.68 16.24
CA PHE A 389 -18.71 -25.19 15.19
C PHE A 389 -18.82 -26.71 15.28
N HIS A 390 -19.75 -27.27 14.52
CA HIS A 390 -19.92 -28.71 14.41
C HIS A 390 -20.33 -29.05 12.98
N GLN A 391 -19.71 -30.09 12.43
CA GLN A 391 -20.04 -30.56 11.09
C GLN A 391 -21.33 -31.37 11.16
N PHE A 392 -22.44 -30.77 10.72
CA PHE A 392 -23.71 -31.49 10.53
C PHE A 392 -23.81 -31.81 9.05
N ASN A 393 -23.59 -33.09 8.71
CA ASN A 393 -23.47 -33.49 7.31
C ASN A 393 -22.41 -32.62 6.65
N ASN A 394 -22.78 -31.82 5.64
CA ASN A 394 -21.78 -31.00 4.94
C ASN A 394 -21.91 -29.51 5.26
N ILE A 395 -22.53 -29.15 6.37
CA ILE A 395 -22.64 -27.77 6.81
C ILE A 395 -22.03 -27.67 8.20
N ALA A 396 -21.08 -26.74 8.37
CA ALA A 396 -20.41 -26.51 9.64
C ALA A 396 -21.09 -25.35 10.36
N LYS A 397 -22.09 -25.67 11.16
CA LYS A 397 -22.86 -24.65 11.85
C LYS A 397 -22.18 -24.22 13.14
N LEU A 398 -22.29 -22.93 13.47
CA LEU A 398 -21.72 -22.44 14.71
C LEU A 398 -22.53 -22.97 15.89
N VAL A 399 -21.83 -23.40 16.94
CA VAL A 399 -22.45 -23.94 18.14
C VAL A 399 -21.72 -23.43 19.36
N ALA A 400 -22.44 -23.45 20.49
CA ALA A 400 -21.83 -23.45 21.81
C ALA A 400 -21.84 -24.88 22.31
N SER A 401 -20.76 -25.30 22.96
CA SER A 401 -20.64 -26.71 23.34
C SER A 401 -19.73 -26.84 24.54
N ASN A 402 -20.22 -27.47 25.61
CA ASN A 402 -19.39 -27.74 26.77
C ASN A 402 -18.28 -28.74 26.47
N TRP A 403 -18.37 -29.44 25.33
CA TRP A 403 -17.28 -30.31 24.90
C TRP A 403 -15.96 -29.55 24.83
N TYR A 404 -15.99 -28.33 24.27
CA TYR A 404 -14.79 -27.50 24.22
C TYR A 404 -14.25 -27.21 25.60
N ASN A 405 -15.13 -26.89 26.55
CA ASN A 405 -14.69 -26.51 27.89
C ASN A 405 -13.91 -27.64 28.55
N ARG A 406 -14.31 -28.89 28.31
CA ARG A 406 -13.60 -30.02 28.89
C ARG A 406 -12.22 -30.19 28.25
N GLN A 407 -12.17 -30.16 26.91
CA GLN A 407 -10.90 -30.31 26.20
C GLN A 407 -9.89 -29.25 26.65
N ILE A 408 -10.38 -28.09 27.06
CA ILE A 408 -9.53 -26.99 27.49
C ILE A 408 -9.15 -27.15 28.97
N ARG A 413 -4.23 -27.26 22.38
CA ARG A 413 -4.15 -27.31 20.92
C ARG A 413 -5.23 -26.45 20.30
N THR A 414 -5.15 -26.26 18.98
CA THR A 414 -6.15 -25.48 18.27
C THR A 414 -7.44 -26.29 18.13
N LEU A 415 -8.54 -25.70 18.56
CA LEU A 415 -9.86 -26.33 18.51
C LEU A 415 -10.79 -25.51 17.62
N GLY A 416 -11.98 -26.05 17.38
CA GLY A 416 -12.97 -25.34 16.61
C GLY A 416 -13.48 -24.06 17.27
N CYS A 417 -13.16 -23.86 18.55
CA CYS A 417 -13.53 -22.64 19.26
C CYS A 417 -12.43 -21.59 19.23
N SER A 418 -11.35 -21.81 18.49
CA SER A 418 -10.25 -20.86 18.40
C SER A 418 -10.58 -19.84 17.32
N TRP A 419 -10.67 -18.56 17.71
CA TRP A 419 -11.06 -17.51 16.78
C TRP A 419 -10.05 -16.37 16.81
N GLU A 420 -10.05 -15.60 15.72
CA GLU A 420 -9.41 -14.29 15.65
C GLU A 420 -10.44 -13.29 15.16
N PHE A 421 -10.37 -12.08 15.70
CA PHE A 421 -11.22 -10.96 15.27
C PHE A 421 -10.40 -10.04 14.38
N ILE A 422 -10.88 -9.78 13.17
CA ILE A 422 -10.09 -9.05 12.17
C ILE A 422 -10.75 -7.74 11.78
N PRO A 423 -10.23 -6.59 12.21
CA PRO A 423 -10.70 -5.31 11.67
C PRO A 423 -9.90 -4.89 10.45
N VAL A 424 -10.52 -4.02 9.66
CA VAL A 424 -9.81 -3.42 8.52
C VAL A 424 -8.66 -2.58 9.05
N ASP A 425 -7.47 -2.79 8.48
CA ASP A 425 -6.26 -2.08 8.92
C ASP A 425 -5.52 -1.52 7.72
N ASP A 426 -4.86 -0.37 7.94
CA ASP A 426 -4.16 0.31 6.85
C ASP A 426 -3.01 -0.52 6.31
N GLY A 427 -2.46 -1.42 7.12
CA GLY A 427 -1.35 -2.25 6.71
C GLY A 427 -1.71 -3.47 5.90
N TRP A 428 -3.00 -3.67 5.60
CA TRP A 428 -3.45 -4.83 4.84
C TRP A 428 -4.63 -4.36 3.98
N ARG A 429 -4.36 -4.09 2.70
CA ARG A 429 -5.33 -3.51 1.80
C ARG A 429 -5.86 -4.58 0.85
N GLU A 430 -7.19 -4.63 0.70
CA GLU A 430 -7.84 -5.58 -0.20
C GLU A 430 -8.82 -4.86 -1.12
N ARG A 431 -8.79 -5.22 -2.41
CA ARG A 431 -9.65 -4.64 -3.43
C ARG A 431 -10.15 -5.75 -4.37
N PRO A 432 -11.43 -6.10 -4.33
CA PRO A 432 -11.91 -7.23 -5.13
C PRO A 432 -12.04 -6.87 -6.61
N LEU A 433 -12.28 -7.92 -7.40
CA LEU A 433 -12.43 -7.84 -8.86
C LEU A 433 -11.15 -7.35 -9.54
N ILE B 10 1.50 32.75 -19.26
CA ILE B 10 1.24 31.75 -18.23
C ILE B 10 0.45 32.35 -17.06
N THR B 11 1.14 32.62 -15.96
CA THR B 11 0.45 33.06 -14.74
C THR B 11 0.11 34.54 -14.74
N ASN B 12 0.54 35.31 -15.74
CA ASN B 12 0.06 36.68 -15.84
C ASN B 12 -1.42 36.75 -16.16
N ALA B 13 -1.97 35.67 -16.71
CA ALA B 13 -3.38 35.58 -17.03
C ALA B 13 -4.16 34.71 -16.04
N SER B 14 -3.51 34.23 -14.98
CA SER B 14 -4.16 33.29 -14.07
C SER B 14 -4.96 34.05 -13.02
N ILE B 15 -6.26 33.76 -12.96
CA ILE B 15 -7.06 34.16 -11.81
C ILE B 15 -6.68 33.33 -10.60
N LEU B 16 -6.33 32.06 -10.83
CA LEU B 16 -5.99 31.12 -9.77
C LEU B 16 -5.12 30.02 -10.35
N SER B 17 -3.97 29.78 -9.73
CA SER B 17 -3.00 28.80 -10.23
C SER B 17 -2.44 28.02 -9.04
N ILE B 18 -2.95 26.81 -8.84
CA ILE B 18 -2.63 26.00 -7.66
C ILE B 18 -1.44 25.10 -7.97
N VAL B 19 -0.37 25.22 -7.19
CA VAL B 19 0.77 24.32 -7.26
C VAL B 19 1.25 23.99 -5.85
N TYR B 20 2.18 23.04 -5.78
CA TYR B 20 2.80 22.58 -4.55
C TYR B 20 4.06 23.37 -4.25
N LYS B 21 4.35 23.56 -2.96
CA LYS B 21 5.55 24.31 -2.60
C LYS B 21 6.33 23.67 -1.45
N ASP B 22 5.70 23.52 -0.28
CA ASP B 22 6.38 22.95 0.89
C ASP B 22 5.35 22.15 1.68
N ASP B 23 5.15 20.90 1.27
CA ASP B 23 4.09 20.04 1.80
C ASP B 23 2.76 20.77 1.83
N ASP B 24 2.54 21.64 0.85
CA ASP B 24 1.40 22.54 0.88
C ASP B 24 1.10 23.04 -0.52
N LEU B 25 -0.17 23.36 -0.75
CA LEU B 25 -0.63 23.96 -1.98
C LEU B 25 -0.71 25.48 -1.84
N ILE B 26 -0.25 26.20 -2.86
CA ILE B 26 -0.26 27.65 -2.85
C ILE B 26 -0.70 28.17 -4.21
N ASP B 27 -1.23 29.39 -4.21
CA ASP B 27 -1.66 30.07 -5.43
C ASP B 27 -0.50 30.87 -6.01
N LEU B 28 -0.19 30.63 -7.28
CA LEU B 28 0.86 31.36 -7.98
C LEU B 28 0.37 32.64 -8.64
N SER B 29 -0.94 32.85 -8.72
CA SER B 29 -1.46 34.10 -9.25
C SER B 29 -1.06 35.26 -8.34
N ARG B 30 -1.29 36.48 -8.83
CA ARG B 30 -0.97 37.66 -8.05
C ARG B 30 -2.11 38.09 -7.13
N TYR B 31 -3.09 37.21 -6.89
CA TYR B 31 -4.24 37.53 -6.07
C TYR B 31 -4.26 36.79 -4.74
N GLY B 32 -3.28 35.92 -4.49
CA GLY B 32 -3.09 35.28 -3.20
C GLY B 32 -4.32 34.62 -2.60
N ALA B 33 -4.85 33.61 -3.27
CA ALA B 33 -5.96 32.85 -2.71
C ALA B 33 -5.51 32.03 -1.51
N GLU B 34 -6.46 31.76 -0.62
CA GLU B 34 -6.22 30.91 0.54
C GLU B 34 -6.64 29.48 0.19
N ILE B 35 -5.76 28.53 0.49
CA ILE B 35 -5.98 27.12 0.13
C ILE B 35 -5.95 26.30 1.42
N TYR B 36 -7.02 25.55 1.68
CA TYR B 36 -7.16 24.80 2.93
C TYR B 36 -7.20 23.31 2.60
N ASN B 37 -6.18 22.58 3.07
CA ASN B 37 -6.07 21.16 2.83
C ASN B 37 -6.70 20.36 3.97
N GLY B 38 -7.28 19.21 3.61
CA GLY B 38 -7.77 18.27 4.60
C GLY B 38 -6.68 17.30 5.04
N ASP B 39 -7.07 16.38 5.93
CA ASP B 39 -6.10 15.42 6.45
C ASP B 39 -5.69 14.40 5.39
N LYS B 40 -6.59 14.04 4.49
CA LYS B 40 -6.32 12.95 3.55
C LYS B 40 -6.12 13.45 2.12
N VAL B 41 -5.15 14.34 1.94
CA VAL B 41 -4.70 14.77 0.62
C VAL B 41 -3.25 14.34 0.49
N TYR B 42 -2.97 13.46 -0.46
CA TYR B 42 -1.63 12.92 -0.65
C TYR B 42 -0.99 13.50 -1.90
N TYR B 43 0.32 13.74 -1.83
CA TYR B 43 1.10 14.22 -2.95
C TYR B 43 2.05 13.13 -3.40
N ASN B 44 2.12 12.90 -4.70
CA ASN B 44 2.96 11.83 -5.23
C ASN B 44 4.43 12.09 -4.91
N SER B 45 5.13 11.04 -4.47
CA SER B 45 6.52 11.18 -4.08
C SER B 45 7.39 11.64 -5.24
N ILE B 46 7.07 11.19 -6.45
CA ILE B 46 7.88 11.54 -7.62
C ILE B 46 7.54 12.95 -8.11
N ASP B 47 6.25 13.23 -8.26
CA ASP B 47 5.78 14.52 -8.78
C ASP B 47 4.77 15.05 -7.75
N LYS B 48 5.22 15.94 -6.88
CA LYS B 48 4.40 16.42 -5.76
C LYS B 48 3.20 17.23 -6.21
N ASN B 49 3.12 17.64 -7.48
CA ASN B 49 1.94 18.35 -7.95
C ASN B 49 0.80 17.41 -8.31
N GLN B 50 1.05 16.10 -8.35
CA GLN B 50 -0.01 15.11 -8.54
C GLN B 50 -0.76 14.95 -7.23
N ILE B 51 -2.02 15.37 -7.20
CA ILE B 51 -2.83 15.41 -6.00
C ILE B 51 -3.88 14.31 -6.09
N ARG B 52 -3.96 13.48 -5.04
CA ARG B 52 -4.92 12.38 -4.98
C ARG B 52 -6.01 12.70 -3.98
N LEU B 53 -7.27 12.58 -4.40
CA LEU B 53 -8.42 12.77 -3.54
C LEU B 53 -9.23 11.48 -3.50
N ILE B 54 -9.56 11.02 -2.30
CA ILE B 54 -10.26 9.75 -2.13
C ILE B 54 -11.68 10.02 -1.66
N ASN B 55 -12.46 8.96 -1.47
CA ASN B 55 -13.89 9.08 -1.18
C ASN B 55 -14.16 9.08 0.33
N LEU B 56 -13.59 10.09 1.00
CA LEU B 56 -13.82 10.32 2.42
C LEU B 56 -14.02 11.81 2.65
N GLU B 57 -14.75 12.14 3.73
CA GLU B 57 -15.12 13.53 3.98
C GLU B 57 -13.92 14.43 4.19
N SER B 58 -12.79 13.88 4.63
CA SER B 58 -11.63 14.68 4.99
C SER B 58 -10.62 14.79 3.85
N SER B 59 -10.96 14.34 2.66
CA SER B 59 -10.10 14.47 1.49
C SER B 59 -10.62 15.66 0.68
N THR B 60 -10.17 16.85 1.05
CA THR B 60 -10.75 18.08 0.51
C THR B 60 -9.67 19.13 0.26
N ILE B 61 -9.99 20.04 -0.65
CA ILE B 61 -9.25 21.29 -0.86
C ILE B 61 -10.29 22.37 -1.09
N GLU B 62 -10.35 23.36 -0.19
CA GLU B 62 -11.20 24.52 -0.39
C GLU B 62 -10.33 25.74 -0.68
N VAL B 63 -10.64 26.42 -1.76
CA VAL B 63 -9.96 27.65 -2.15
C VAL B 63 -10.88 28.82 -1.84
N ILE B 64 -10.37 29.81 -1.13
CA ILE B 64 -11.08 31.07 -0.90
C ILE B 64 -10.43 32.13 -1.76
N LEU B 65 -11.18 32.68 -2.70
CA LEU B 65 -10.68 33.79 -3.50
C LEU B 65 -10.85 35.09 -2.74
N LYS B 66 -9.86 35.98 -2.88
CA LYS B 66 -9.97 37.31 -2.28
C LYS B 66 -11.22 38.00 -2.78
N LYS B 67 -11.85 38.77 -1.89
CA LYS B 67 -13.11 39.42 -2.23
C LYS B 67 -12.96 40.38 -3.39
N ALA B 68 -11.81 41.06 -3.48
CA ALA B 68 -11.61 42.08 -4.50
C ALA B 68 -11.84 41.54 -5.90
N ILE B 69 -11.31 40.35 -6.19
CA ILE B 69 -11.39 39.80 -7.54
C ILE B 69 -12.67 39.01 -7.78
N VAL B 70 -13.51 38.85 -6.76
CA VAL B 70 -14.74 38.07 -6.89
C VAL B 70 -15.83 39.01 -7.39
N TYR B 71 -16.11 38.92 -8.69
CA TYR B 71 -17.25 39.58 -9.31
C TYR B 71 -17.84 38.62 -10.33
N ASN B 72 -19.09 38.87 -10.74
CA ASN B 72 -19.61 38.10 -11.86
C ASN B 72 -19.02 38.57 -13.19
N SER B 73 -18.23 39.64 -13.16
CA SER B 73 -17.56 40.15 -14.36
C SER B 73 -16.33 39.33 -14.74
N MET B 74 -15.92 38.37 -13.89
CA MET B 74 -14.78 37.52 -14.21
C MET B 74 -15.15 36.34 -15.08
N TYR B 75 -16.44 36.03 -15.20
CA TYR B 75 -16.91 34.90 -15.99
C TYR B 75 -17.21 35.27 -17.43
N GLU B 76 -16.95 36.52 -17.82
CA GLU B 76 -17.13 36.97 -19.19
C GLU B 76 -16.17 36.27 -20.12
N ASN B 77 -14.87 36.52 -19.96
CA ASN B 77 -13.82 35.85 -20.72
C ASN B 77 -12.91 35.15 -19.73
N PHE B 78 -12.97 33.82 -19.67
CA PHE B 78 -12.21 33.09 -18.68
C PHE B 78 -12.14 31.61 -19.08
N SER B 79 -11.15 30.92 -18.51
CA SER B 79 -10.89 29.52 -18.85
C SER B 79 -10.44 28.77 -17.60
N THR B 80 -10.58 27.45 -17.64
CA THR B 80 -10.03 26.59 -16.59
C THR B 80 -9.35 25.37 -17.21
N SER B 81 -8.13 25.09 -16.76
CA SER B 81 -7.39 23.92 -17.19
C SER B 81 -6.97 23.10 -15.97
N PHE B 82 -6.84 21.79 -16.18
CA PHE B 82 -6.32 20.89 -15.16
C PHE B 82 -6.11 19.51 -15.77
N TRP B 83 -5.15 18.78 -15.22
CA TRP B 83 -4.93 17.39 -15.57
C TRP B 83 -5.68 16.48 -14.59
N ILE B 84 -6.14 15.33 -15.08
CA ILE B 84 -6.85 14.37 -14.24
C ILE B 84 -6.50 12.97 -14.68
N ARG B 85 -6.40 12.05 -13.71
CA ARG B 85 -6.22 10.63 -13.96
C ARG B 85 -7.31 9.89 -13.20
N ILE B 86 -8.21 9.24 -13.93
CA ILE B 86 -9.42 8.64 -13.39
C ILE B 86 -9.25 7.13 -13.40
N PRO B 87 -9.19 6.47 -12.24
CA PRO B 87 -9.06 5.00 -12.23
C PRO B 87 -10.25 4.34 -12.89
N LYS B 88 -10.04 3.10 -13.33
CA LYS B 88 -11.06 2.37 -14.07
C LYS B 88 -12.27 2.10 -13.20
N TYR B 89 -13.46 2.26 -13.77
CA TYR B 89 -14.69 1.85 -13.11
C TYR B 89 -14.81 0.34 -13.19
N PHE B 90 -15.06 -0.31 -12.06
CA PHE B 90 -15.06 -1.76 -11.96
CA PHE B 90 -15.07 -1.76 -12.01
C PHE B 90 -16.42 -2.38 -11.66
N ASN B 91 -17.39 -1.62 -11.18
CA ASN B 91 -18.63 -2.22 -10.72
C ASN B 91 -19.83 -1.35 -11.08
N SER B 92 -21.01 -2.00 -11.07
CA SER B 92 -22.25 -1.36 -11.47
C SER B 92 -22.63 -0.18 -10.60
N ILE B 93 -22.07 -0.10 -9.38
CA ILE B 93 -22.42 1.00 -8.48
C ILE B 93 -22.07 2.34 -9.12
N SER B 94 -21.09 2.35 -10.03
CA SER B 94 -20.66 3.58 -10.68
C SER B 94 -21.51 3.94 -11.90
N LEU B 95 -22.32 3.02 -12.40
CA LEU B 95 -23.24 3.34 -13.50
C LEU B 95 -24.30 4.31 -12.99
N ASN B 96 -24.53 5.39 -13.75
CA ASN B 96 -25.54 6.41 -13.47
C ASN B 96 -25.30 7.13 -12.14
N ASN B 97 -24.14 6.93 -11.51
CA ASN B 97 -23.80 7.65 -10.29
C ASN B 97 -22.89 8.81 -10.66
N GLU B 98 -23.51 9.91 -11.09
CA GLU B 98 -22.76 11.13 -11.31
C GLU B 98 -22.33 11.72 -9.98
N TYR B 99 -21.10 12.19 -9.91
CA TYR B 99 -20.56 12.77 -8.70
C TYR B 99 -19.75 14.01 -9.02
N THR B 100 -19.85 15.01 -8.15
CA THR B 100 -19.11 16.26 -8.29
C THR B 100 -17.68 16.08 -7.79
N ILE B 101 -16.75 16.83 -8.39
CA ILE B 101 -15.36 16.78 -7.92
C ILE B 101 -14.80 18.20 -7.71
N ILE B 102 -15.21 19.15 -8.54
CA ILE B 102 -14.81 20.55 -8.38
C ILE B 102 -16.07 21.41 -8.40
N ASN B 103 -16.35 22.10 -7.30
CA ASN B 103 -17.64 22.76 -7.11
C ASN B 103 -17.44 24.24 -6.80
N CYS B 104 -18.14 25.09 -7.55
CA CYS B 104 -18.15 26.53 -7.31
C CYS B 104 -19.58 27.03 -7.50
N MET B 105 -20.49 26.53 -6.66
CA MET B 105 -21.91 26.80 -6.76
C MET B 105 -22.39 27.59 -5.56
N GLU B 106 -23.07 28.70 -5.83
CA GLU B 106 -23.72 29.53 -4.80
C GLU B 106 -25.20 29.61 -5.14
N ASN B 107 -26.03 28.97 -4.34
CA ASN B 107 -27.47 28.87 -4.61
C ASN B 107 -27.71 28.27 -5.99
N ASN B 108 -26.93 27.24 -6.33
CA ASN B 108 -27.05 26.51 -7.59
C ASN B 108 -26.79 27.41 -8.79
N SER B 109 -25.95 28.42 -8.61
CA SER B 109 -25.47 29.26 -9.69
C SER B 109 -23.94 29.25 -9.67
N GLY B 110 -23.32 29.07 -10.83
CA GLY B 110 -21.87 29.00 -10.91
C GLY B 110 -21.34 27.98 -11.90
N TRP B 111 -20.44 27.11 -11.45
CA TRP B 111 -19.84 26.11 -12.32
C TRP B 111 -19.35 24.93 -11.50
N LYS B 112 -19.48 23.72 -12.04
CA LYS B 112 -19.02 22.53 -11.34
C LYS B 112 -18.50 21.49 -12.32
N VAL B 113 -17.34 20.93 -12.02
CA VAL B 113 -16.79 19.79 -12.75
C VAL B 113 -17.27 18.52 -12.07
N SER B 114 -17.90 17.63 -12.84
CA SER B 114 -18.44 16.39 -12.32
C SER B 114 -17.98 15.22 -13.19
N LEU B 115 -18.04 14.03 -12.61
CA LEU B 115 -17.68 12.81 -13.30
C LEU B 115 -18.84 11.82 -13.24
N ASN B 116 -18.80 10.86 -14.15
CA ASN B 116 -19.73 9.73 -14.16
C ASN B 116 -19.01 8.58 -14.84
N TYR B 117 -19.67 7.41 -14.85
CA TYR B 117 -19.15 6.27 -15.58
C TYR B 117 -18.80 6.68 -17.00
N GLY B 118 -17.50 6.84 -17.27
CA GLY B 118 -17.03 7.17 -18.60
C GLY B 118 -17.25 8.60 -19.05
N GLU B 119 -17.33 9.56 -18.11
CA GLU B 119 -17.67 10.93 -18.48
C GLU B 119 -16.94 11.94 -17.61
N ILE B 120 -16.58 13.07 -18.23
CA ILE B 120 -16.12 14.27 -17.54
C ILE B 120 -17.07 15.39 -17.94
N ILE B 121 -17.71 16.01 -16.97
CA ILE B 121 -18.85 16.90 -17.21
C ILE B 121 -18.57 18.28 -16.63
N TRP B 122 -18.83 19.33 -17.41
CA TRP B 122 -18.72 20.72 -16.98
C TRP B 122 -20.08 21.38 -17.12
N THR B 123 -20.61 21.89 -16.01
CA THR B 123 -21.90 22.55 -15.97
C THR B 123 -21.72 24.04 -15.73
N PHE B 124 -22.73 24.82 -16.13
CA PHE B 124 -22.64 26.27 -16.07
C PHE B 124 -24.04 26.92 -16.07
N ARG B 133 -24.34 21.75 -19.78
CA ARG B 133 -23.60 20.49 -19.68
C ARG B 133 -22.79 20.20 -20.95
N VAL B 134 -21.50 20.47 -20.89
CA VAL B 134 -20.57 20.12 -21.97
C VAL B 134 -19.76 18.92 -21.49
N VAL B 135 -19.69 17.87 -22.32
CA VAL B 135 -19.28 16.55 -21.87
C VAL B 135 -18.14 16.03 -22.74
N PHE B 136 -17.27 15.24 -22.12
CA PHE B 136 -16.35 14.35 -22.83
C PHE B 136 -16.65 12.92 -22.40
N LYS B 137 -17.00 12.08 -23.37
CA LYS B 137 -17.32 10.69 -23.11
C LYS B 137 -16.18 9.79 -23.58
N TYR B 138 -15.91 8.73 -22.83
CA TYR B 138 -14.91 7.75 -23.22
C TYR B 138 -15.40 6.35 -22.84
N SER B 139 -15.11 5.38 -23.70
CA SER B 139 -15.63 4.04 -23.57
C SER B 139 -14.71 3.17 -22.71
N GLN B 140 -15.31 2.23 -22.00
CA GLN B 140 -14.56 1.17 -21.33
C GLN B 140 -14.69 -0.16 -22.04
N MET B 141 -15.41 -0.22 -23.17
CA MET B 141 -15.41 -1.38 -24.04
C MET B 141 -14.51 -1.05 -25.23
N ILE B 142 -13.20 -1.25 -25.03
CA ILE B 142 -12.20 -0.91 -26.03
C ILE B 142 -10.91 -1.64 -25.70
N ASN B 143 -10.18 -2.09 -26.72
CA ASN B 143 -8.98 -2.90 -26.50
C ASN B 143 -7.95 -2.14 -25.66
N ILE B 144 -7.52 -0.98 -26.16
CA ILE B 144 -6.58 -0.11 -25.44
C ILE B 144 -7.17 1.30 -25.46
N SER B 145 -7.19 1.94 -24.30
CA SER B 145 -7.81 3.25 -24.16
C SER B 145 -6.75 4.33 -23.98
N ASP B 146 -6.96 5.47 -24.65
CA ASP B 146 -6.13 6.63 -24.39
C ASP B 146 -6.50 7.32 -23.07
N TYR B 147 -7.58 6.91 -22.42
CA TYR B 147 -8.18 7.74 -21.38
C TYR B 147 -8.37 7.05 -20.04
N ILE B 148 -8.66 5.74 -20.01
CA ILE B 148 -8.90 5.09 -18.73
C ILE B 148 -7.61 5.07 -17.92
N ASN B 149 -7.64 5.69 -16.74
CA ASN B 149 -6.55 5.67 -15.77
C ASN B 149 -5.26 6.27 -16.33
N ARG B 150 -5.37 7.11 -17.36
CA ARG B 150 -4.22 7.79 -17.93
C ARG B 150 -4.42 9.29 -17.82
N TRP B 151 -3.31 10.02 -17.71
CA TRP B 151 -3.37 11.46 -17.51
C TRP B 151 -4.07 12.14 -18.68
N ILE B 152 -5.14 12.86 -18.37
CA ILE B 152 -5.95 13.59 -19.34
C ILE B 152 -5.78 15.07 -19.07
N PHE B 153 -5.57 15.85 -20.12
CA PHE B 153 -5.56 17.31 -20.00
C PHE B 153 -6.94 17.84 -20.38
N VAL B 154 -7.58 18.52 -19.44
CA VAL B 154 -8.90 19.10 -19.63
C VAL B 154 -8.75 20.61 -19.70
N THR B 155 -9.47 21.24 -20.63
CA THR B 155 -9.50 22.69 -20.75
C THR B 155 -10.89 23.13 -21.17
N ILE B 156 -11.43 24.12 -20.47
CA ILE B 156 -12.74 24.68 -20.77
C ILE B 156 -12.61 26.19 -20.87
N THR B 157 -12.86 26.73 -22.05
CA THR B 157 -12.90 28.17 -22.25
C THR B 157 -14.35 28.63 -22.33
N ASN B 158 -14.58 29.90 -22.02
CA ASN B 158 -15.90 30.48 -22.11
C ASN B 158 -15.81 31.90 -22.67
N ASN B 159 -16.94 32.38 -23.18
CA ASN B 159 -17.05 33.70 -23.78
C ASN B 159 -18.52 34.02 -23.98
N ARG B 160 -19.03 35.03 -23.27
CA ARG B 160 -20.44 35.44 -23.35
C ARG B 160 -20.91 35.61 -24.80
N SER B 164 -18.93 27.86 -24.60
CA SER B 164 -18.53 26.69 -23.82
C SER B 164 -17.87 25.63 -24.68
N LYS B 165 -16.55 25.54 -24.59
CA LYS B 165 -15.76 24.56 -25.31
C LYS B 165 -14.97 23.73 -24.31
N ILE B 166 -14.99 22.41 -24.48
CA ILE B 166 -14.21 21.51 -23.63
C ILE B 166 -13.16 20.84 -24.50
N TYR B 167 -11.89 21.05 -24.15
CA TYR B 167 -10.75 20.53 -24.90
C TYR B 167 -10.11 19.40 -24.12
N ILE B 168 -9.88 18.28 -24.80
CA ILE B 168 -9.20 17.12 -24.21
C ILE B 168 -7.85 16.98 -24.91
N ASN B 169 -6.77 17.05 -24.13
CA ASN B 169 -5.41 16.93 -24.64
C ASN B 169 -5.14 17.91 -25.78
N GLY B 170 -5.70 19.11 -25.65
CA GLY B 170 -5.53 20.15 -26.64
C GLY B 170 -6.46 20.08 -27.83
N ARG B 171 -7.43 19.17 -27.82
CA ARG B 171 -8.30 18.92 -28.96
C ARG B 171 -9.74 19.18 -28.55
N LEU B 172 -10.49 19.87 -29.40
CA LEU B 172 -11.88 20.22 -29.09
C LEU B 172 -12.78 19.00 -29.22
N ILE B 173 -13.66 18.81 -28.24
CA ILE B 173 -14.56 17.65 -28.22
C ILE B 173 -16.01 18.12 -28.36
N ASP B 174 -16.53 18.85 -27.38
CA ASP B 174 -17.92 19.25 -27.33
C ASP B 174 -18.00 20.77 -27.30
N GLN B 175 -19.17 21.31 -27.66
CA GLN B 175 -19.29 22.76 -27.83
C GLN B 175 -20.78 23.09 -27.89
N LYS B 176 -21.32 23.56 -26.77
CA LYS B 176 -22.74 23.93 -26.64
C LYS B 176 -22.87 25.32 -26.04
N PRO B 177 -22.43 26.36 -26.78
CA PRO B 177 -22.40 27.71 -26.19
C PRO B 177 -23.77 28.40 -26.21
N HIS B 185 -23.77 33.46 -10.62
CA HIS B 185 -23.21 33.98 -9.38
C HIS B 185 -21.78 33.48 -9.19
N ALA B 186 -20.93 34.33 -8.63
CA ALA B 186 -19.52 34.01 -8.43
C ALA B 186 -19.28 33.77 -6.94
N SER B 187 -19.21 32.50 -6.55
CA SER B 187 -18.74 32.17 -5.22
C SER B 187 -17.25 32.47 -5.12
N ASN B 188 -16.81 32.92 -3.95
CA ASN B 188 -15.38 33.04 -3.69
C ASN B 188 -14.77 31.71 -3.25
N LYS B 189 -15.56 30.63 -3.21
CA LYS B 189 -15.12 29.36 -2.67
C LYS B 189 -15.20 28.28 -3.75
N ILE B 190 -14.10 27.54 -3.91
CA ILE B 190 -14.02 26.38 -4.78
C ILE B 190 -13.69 25.18 -3.92
N MET B 191 -14.46 24.10 -4.06
CA MET B 191 -14.33 22.92 -3.22
C MET B 191 -13.91 21.73 -4.08
N PHE B 192 -12.68 21.25 -3.88
CA PHE B 192 -12.20 20.02 -4.50
C PHE B 192 -12.54 18.86 -3.56
N LYS B 193 -13.40 17.95 -4.04
CA LYS B 193 -13.99 16.93 -3.18
C LYS B 193 -14.88 16.00 -3.99
N LEU B 194 -14.75 14.69 -3.79
CA LEU B 194 -15.69 13.73 -4.38
C LEU B 194 -17.02 13.88 -3.66
N ASP B 195 -17.99 14.50 -4.32
CA ASP B 195 -19.28 14.78 -3.69
C ASP B 195 -20.35 13.91 -4.34
N GLY B 196 -20.80 12.90 -3.61
CA GLY B 196 -21.92 12.09 -4.05
C GLY B 196 -21.55 10.84 -4.83
N CYS B 197 -20.43 10.21 -4.50
CA CYS B 197 -19.95 9.03 -5.21
C CYS B 197 -20.13 7.80 -4.32
N ARG B 198 -20.95 6.86 -4.78
CA ARG B 198 -21.32 5.68 -3.99
C ARG B 198 -20.22 4.63 -3.91
N ASP B 199 -19.21 4.69 -4.78
CA ASP B 199 -18.13 3.71 -4.78
C ASP B 199 -17.13 4.05 -3.69
N PRO B 200 -17.04 3.23 -2.62
CA PRO B 200 -16.17 3.61 -1.49
C PRO B 200 -14.69 3.67 -1.83
N HIS B 201 -14.24 2.86 -2.80
CA HIS B 201 -12.84 2.80 -3.16
C HIS B 201 -12.46 3.83 -4.22
N ARG B 202 -13.38 4.69 -4.62
CA ARG B 202 -13.14 5.63 -5.71
C ARG B 202 -12.16 6.72 -5.30
N TYR B 203 -11.34 7.15 -6.26
CA TYR B 203 -10.43 8.27 -6.06
C TYR B 203 -10.15 8.93 -7.41
N ILE B 204 -9.47 10.08 -7.36
CA ILE B 204 -8.98 10.76 -8.56
C ILE B 204 -7.58 11.27 -8.26
N VAL B 205 -6.86 11.59 -9.33
CA VAL B 205 -5.59 12.30 -9.24
C VAL B 205 -5.68 13.52 -10.16
N ILE B 206 -5.36 14.70 -9.63
CA ILE B 206 -5.42 15.94 -10.39
C ILE B 206 -4.08 16.65 -10.26
N LYS B 207 -3.86 17.61 -11.18
CA LYS B 207 -2.59 18.31 -11.27
C LYS B 207 -2.81 19.64 -11.98
N TYR B 208 -2.16 20.69 -11.46
CA TYR B 208 -2.05 21.99 -12.12
C TYR B 208 -3.42 22.58 -12.45
N PHE B 209 -4.23 22.83 -11.42
CA PHE B 209 -5.50 23.49 -11.65
C PHE B 209 -5.28 24.97 -11.91
N ASN B 210 -5.97 25.51 -12.91
CA ASN B 210 -5.83 26.91 -13.27
C ASN B 210 -7.19 27.53 -13.61
N LEU B 211 -7.35 28.79 -13.24
CA LEU B 211 -8.39 29.67 -13.77
C LEU B 211 -7.71 30.81 -14.51
N PHE B 212 -8.26 31.17 -15.68
CA PHE B 212 -7.67 32.21 -16.50
C PHE B 212 -8.66 33.35 -16.70
N ASP B 213 -8.14 34.54 -17.01
CA ASP B 213 -8.97 35.73 -17.16
C ASP B 213 -9.17 36.11 -18.63
N LYS B 214 -9.17 35.13 -19.52
CA LYS B 214 -9.43 35.35 -20.94
C LYS B 214 -9.88 34.03 -21.55
N GLU B 215 -10.62 34.12 -22.65
CA GLU B 215 -10.92 32.93 -23.44
C GLU B 215 -9.67 32.48 -24.16
N LEU B 216 -9.22 31.25 -23.88
CA LEU B 216 -7.99 30.75 -24.45
C LEU B 216 -8.21 30.30 -25.89
N SER B 217 -7.22 30.57 -26.74
CA SER B 217 -7.25 30.16 -28.13
C SER B 217 -6.67 28.75 -28.28
N GLU B 218 -7.05 28.10 -29.38
CA GLU B 218 -6.57 26.74 -29.63
C GLU B 218 -5.05 26.64 -29.59
N LYS B 219 -4.35 27.71 -29.99
CA LYS B 219 -2.89 27.68 -29.96
C LYS B 219 -2.35 27.88 -28.55
N GLU B 220 -2.97 28.78 -27.78
CA GLU B 220 -2.57 28.91 -26.38
C GLU B 220 -2.93 27.67 -25.58
N ILE B 221 -3.97 26.94 -26.01
CA ILE B 221 -4.36 25.72 -25.33
C ILE B 221 -3.34 24.60 -25.61
N LYS B 222 -2.85 24.52 -26.84
CA LYS B 222 -1.89 23.48 -27.18
C LYS B 222 -0.49 23.80 -26.64
N ASP B 223 -0.08 25.06 -26.71
CA ASP B 223 1.16 25.47 -26.04
C ASP B 223 1.10 25.14 -24.56
N LEU B 224 -0.08 25.30 -23.95
CA LEU B 224 -0.27 24.89 -22.56
C LEU B 224 -0.07 23.39 -22.41
N TYR B 225 -0.68 22.61 -23.32
CA TYR B 225 -0.49 21.16 -23.33
C TYR B 225 0.98 20.80 -23.52
N ASP B 226 1.62 21.41 -24.52
CA ASP B 226 3.01 21.06 -24.85
C ASP B 226 3.96 21.40 -23.71
N ASN B 227 3.75 22.54 -23.04
CA ASN B 227 4.71 22.99 -22.04
C ASN B 227 4.52 22.32 -20.69
N GLN B 228 3.34 21.76 -20.41
CA GLN B 228 3.16 21.01 -19.18
C GLN B 228 3.45 19.52 -19.35
N SER B 229 3.50 19.04 -20.59
CA SER B 229 3.97 17.69 -20.89
C SER B 229 5.48 17.77 -21.10
N ASN B 230 6.25 17.45 -20.06
CA ASN B 230 7.70 17.57 -20.11
C ASN B 230 8.30 16.61 -21.13
N SER B 231 8.58 17.10 -22.33
CA SER B 231 9.01 16.24 -23.44
C SER B 231 10.47 15.82 -23.35
N GLY B 232 11.18 16.21 -22.29
CA GLY B 232 12.54 15.74 -22.10
C GLY B 232 12.58 14.59 -21.12
N ILE B 233 11.43 14.26 -20.55
CA ILE B 233 11.28 13.18 -19.59
C ILE B 233 10.35 12.14 -20.19
N LEU B 234 10.82 10.90 -20.25
CA LEU B 234 10.02 9.84 -20.85
C LEU B 234 8.85 9.46 -19.94
N LYS B 235 7.72 9.15 -20.55
CA LYS B 235 6.48 8.85 -19.82
C LYS B 235 6.19 7.36 -19.88
N ASP B 236 5.59 6.83 -18.81
CA ASP B 236 5.10 5.47 -18.89
C ASP B 236 3.69 5.50 -19.49
N PHE B 237 3.07 4.31 -19.57
CA PHE B 237 1.77 4.19 -20.23
C PHE B 237 0.73 5.07 -19.55
N TRP B 238 0.80 5.19 -18.22
CA TRP B 238 -0.18 5.99 -17.50
C TRP B 238 0.08 7.50 -17.59
N GLY B 239 1.25 7.91 -18.06
CA GLY B 239 1.59 9.32 -18.13
C GLY B 239 2.53 9.81 -17.06
N ASP B 240 2.83 8.99 -16.06
CA ASP B 240 3.81 9.35 -15.04
C ASP B 240 5.21 9.35 -15.64
N TYR B 241 6.19 9.76 -14.83
CA TYR B 241 7.57 9.74 -15.28
C TYR B 241 8.08 8.30 -15.36
N LEU B 242 8.70 7.93 -16.47
CA LEU B 242 9.35 6.64 -16.59
C LEU B 242 10.54 6.59 -15.64
N GLN B 243 10.63 5.52 -14.84
CA GLN B 243 11.60 5.47 -13.76
C GLN B 243 12.57 4.31 -13.93
N TYR B 244 13.63 4.35 -13.14
CA TYR B 244 14.65 3.32 -13.10
C TYR B 244 14.30 2.26 -12.06
N ASP B 245 14.84 1.05 -12.27
CA ASP B 245 14.72 -0.06 -11.33
C ASP B 245 13.26 -0.43 -11.05
N LYS B 246 12.39 -0.28 -12.05
CA LYS B 246 10.97 -0.49 -11.89
C LYS B 246 10.46 -1.44 -12.96
N SER B 247 9.56 -2.34 -12.59
CA SER B 247 9.09 -3.39 -13.48
C SER B 247 7.98 -2.86 -14.39
N TYR B 248 8.15 -3.03 -15.70
CA TYR B 248 7.18 -2.58 -16.68
C TYR B 248 6.77 -3.74 -17.58
N TYR B 249 5.47 -3.99 -17.68
CA TYR B 249 4.95 -4.76 -18.81
C TYR B 249 5.03 -3.90 -20.06
N MET B 250 5.24 -4.54 -21.20
CA MET B 250 5.52 -3.85 -22.45
C MET B 250 4.36 -3.96 -23.42
N LEU B 251 4.05 -2.84 -24.08
CA LEU B 251 3.01 -2.77 -25.10
C LEU B 251 3.62 -2.21 -26.37
N ASN B 252 3.55 -2.96 -27.46
CA ASN B 252 3.99 -2.49 -28.76
C ASN B 252 2.80 -1.88 -29.48
N LEU B 253 2.92 -0.61 -29.85
CA LEU B 253 1.77 0.11 -30.38
C LEU B 253 1.42 -0.29 -31.81
N TYR B 254 2.39 -0.78 -32.60
CA TYR B 254 2.04 -1.24 -33.93
C TYR B 254 1.21 -2.52 -33.86
N ASP B 255 1.54 -3.42 -32.93
CA ASP B 255 0.82 -4.69 -32.77
C ASP B 255 0.31 -4.78 -31.34
N PRO B 256 -0.77 -4.07 -31.01
CA PRO B 256 -1.18 -3.96 -29.60
C PRO B 256 -1.76 -5.24 -29.02
N ASN B 257 -2.20 -6.19 -29.83
CA ASN B 257 -2.72 -7.45 -29.31
C ASN B 257 -1.63 -8.49 -29.10
N LYS B 258 -0.36 -8.08 -29.06
CA LYS B 258 0.77 -8.97 -28.85
C LYS B 258 1.45 -8.63 -27.53
N TYR B 259 2.10 -9.62 -26.95
CA TYR B 259 2.89 -9.42 -25.74
C TYR B 259 4.25 -10.09 -25.90
N VAL B 260 5.23 -9.56 -25.17
CA VAL B 260 6.61 -10.03 -25.29
C VAL B 260 6.76 -11.37 -24.59
N ASP B 261 7.50 -12.27 -25.23
CA ASP B 261 7.90 -13.53 -24.62
C ASP B 261 9.35 -13.80 -24.98
N VAL B 262 9.98 -14.68 -24.22
CA VAL B 262 11.33 -15.17 -24.49
C VAL B 262 11.27 -16.69 -24.50
N ASN B 263 11.54 -17.30 -25.65
CA ASN B 263 11.39 -18.74 -25.74
C ASN B 263 12.43 -19.46 -24.90
N ASN B 264 13.68 -19.00 -24.95
CA ASN B 264 14.73 -19.51 -24.07
C ASN B 264 15.70 -18.37 -23.78
N VAL B 265 16.29 -18.39 -22.58
CA VAL B 265 17.36 -17.46 -22.28
C VAL B 265 18.66 -17.99 -22.88
N GLY B 266 19.62 -17.09 -23.04
CA GLY B 266 20.84 -17.43 -23.74
C GLY B 266 20.79 -17.03 -25.19
N ILE B 267 21.93 -17.22 -25.88
CA ILE B 267 22.10 -16.64 -27.21
C ILE B 267 21.40 -17.43 -28.31
N ARG B 268 21.00 -18.67 -28.07
CA ARG B 268 20.22 -19.38 -29.08
C ARG B 268 18.76 -18.95 -29.07
N GLY B 269 18.24 -18.61 -27.89
CA GLY B 269 16.89 -18.09 -27.79
C GLY B 269 16.81 -16.63 -28.18
N TYR B 270 15.58 -16.11 -28.15
CA TYR B 270 15.30 -14.77 -28.63
C TYR B 270 14.03 -14.25 -27.96
N MET B 271 13.92 -12.93 -27.87
CA MET B 271 12.68 -12.29 -27.45
C MET B 271 11.81 -12.08 -28.68
N TYR B 272 10.50 -12.27 -28.50
CA TYR B 272 9.59 -12.13 -29.64
C TYR B 272 8.22 -11.69 -29.15
N LEU B 273 7.34 -11.41 -30.12
CA LEU B 273 5.99 -10.94 -29.87
C LEU B 273 5.00 -12.05 -30.20
N LYS B 274 4.14 -12.38 -29.24
CA LYS B 274 3.17 -13.45 -29.39
C LYS B 274 1.81 -12.98 -28.93
N GLY B 275 0.77 -13.51 -29.56
CA GLY B 275 -0.59 -13.13 -29.25
C GLY B 275 -1.55 -14.30 -29.35
N PRO B 276 -2.84 -14.04 -29.08
CA PRO B 276 -3.40 -12.74 -28.69
C PRO B 276 -3.28 -12.49 -27.20
N ARG B 277 -3.44 -11.23 -26.79
CA ARG B 277 -3.57 -10.94 -25.37
C ARG B 277 -4.88 -11.50 -24.84
N ASP B 278 -4.86 -11.91 -23.57
CA ASP B 278 -6.11 -12.19 -22.88
C ASP B 278 -6.96 -10.93 -22.81
N ASN B 279 -8.25 -11.12 -22.57
CA ASN B 279 -9.17 -10.02 -22.32
C ASN B 279 -9.55 -9.99 -20.84
N VAL B 280 -9.88 -8.80 -20.36
CA VAL B 280 -10.43 -8.61 -19.03
C VAL B 280 -11.82 -8.00 -19.18
N MET B 281 -12.76 -8.45 -18.37
CA MET B 281 -14.16 -8.12 -18.61
C MET B 281 -14.97 -8.18 -17.32
N THR B 282 -15.85 -7.20 -17.16
CA THR B 282 -16.99 -7.29 -16.25
C THR B 282 -18.21 -6.80 -17.02
N THR B 283 -19.24 -7.64 -17.07
CA THR B 283 -20.42 -7.38 -17.90
C THR B 283 -20.96 -5.98 -17.65
N ASN B 284 -21.24 -5.26 -18.75
CA ASN B 284 -21.78 -3.91 -18.78
C ASN B 284 -20.82 -2.85 -18.25
N ILE B 285 -19.60 -3.20 -17.85
CA ILE B 285 -18.71 -2.23 -17.22
C ILE B 285 -17.46 -2.01 -18.08
N TYR B 286 -16.71 -3.07 -18.36
CA TYR B 286 -15.51 -2.91 -19.18
C TYR B 286 -15.22 -4.18 -19.96
N LEU B 287 -14.57 -3.98 -21.11
CA LEU B 287 -14.02 -5.06 -21.94
C LEU B 287 -12.73 -4.52 -22.55
N ASN B 288 -11.60 -5.07 -22.13
CA ASN B 288 -10.31 -4.52 -22.50
C ASN B 288 -9.31 -5.65 -22.73
N SER B 289 -8.22 -5.30 -23.39
CA SER B 289 -7.08 -6.20 -23.48
C SER B 289 -6.30 -6.18 -22.18
N SER B 290 -5.89 -7.36 -21.72
CA SER B 290 -5.05 -7.45 -20.55
C SER B 290 -3.75 -6.69 -20.77
N LEU B 291 -3.41 -5.83 -19.82
CA LEU B 291 -2.19 -5.05 -19.88
C LEU B 291 -1.07 -5.64 -19.05
N TYR B 292 -1.39 -6.50 -18.08
CA TYR B 292 -0.40 -7.11 -17.21
C TYR B 292 -0.03 -8.50 -17.70
N MET B 293 0.51 -8.55 -18.91
CA MET B 293 0.94 -9.79 -19.53
C MET B 293 2.37 -9.65 -20.04
N GLY B 294 3.04 -10.80 -20.15
CA GLY B 294 4.27 -10.87 -20.89
C GLY B 294 5.50 -10.55 -20.07
N THR B 295 6.62 -10.68 -20.75
CA THR B 295 7.92 -10.40 -20.14
C THR B 295 8.01 -8.96 -19.68
N LYS B 296 8.55 -8.75 -18.49
CA LYS B 296 8.72 -7.42 -17.93
C LYS B 296 10.12 -6.89 -18.23
N PHE B 297 10.21 -5.57 -18.38
CA PHE B 297 11.48 -4.88 -18.60
C PHE B 297 11.80 -4.01 -17.40
N ILE B 298 13.09 -3.92 -17.07
CA ILE B 298 13.59 -3.04 -16.02
C ILE B 298 14.71 -2.20 -16.60
N ILE B 299 14.61 -0.88 -16.45
CA ILE B 299 15.61 0.04 -16.97
C ILE B 299 16.65 0.30 -15.88
N LYS B 300 17.92 0.13 -16.23
CA LYS B 300 19.03 0.24 -15.29
C LYS B 300 19.95 1.39 -15.71
N LYS B 301 20.77 1.83 -14.75
CA LYS B 301 21.61 3.02 -14.96
C LYS B 301 23.00 2.64 -15.47
N TYR B 302 23.50 3.42 -16.42
CA TYR B 302 24.84 3.24 -16.96
C TYR B 302 25.79 4.28 -16.39
N ASN B 306 22.29 12.12 -13.45
CA ASN B 306 21.34 12.51 -12.42
C ASN B 306 21.11 11.36 -11.45
N LYS B 307 20.90 11.67 -10.16
CA LYS B 307 20.71 10.64 -9.16
C LYS B 307 19.25 10.32 -8.89
N ASP B 308 18.32 11.20 -9.24
CA ASP B 308 16.93 10.81 -9.13
C ASP B 308 16.62 9.75 -10.18
N ASN B 309 15.55 8.99 -9.95
CA ASN B 309 15.28 7.77 -10.70
C ASN B 309 14.41 8.00 -11.92
N ILE B 310 14.53 9.15 -12.57
CA ILE B 310 13.69 9.49 -13.72
C ILE B 310 14.51 9.34 -14.99
N VAL B 311 13.89 8.78 -16.02
CA VAL B 311 14.56 8.49 -17.29
C VAL B 311 14.34 9.67 -18.22
N ARG B 312 15.43 10.33 -18.62
CA ARG B 312 15.37 11.52 -19.45
C ARG B 312 15.98 11.25 -20.82
N ASN B 313 15.69 12.15 -21.75
CA ASN B 313 16.13 11.99 -23.14
C ASN B 313 17.64 11.82 -23.22
N ASN B 314 18.07 10.93 -24.11
CA ASN B 314 19.49 10.61 -24.34
C ASN B 314 20.16 9.96 -23.13
N ASP B 315 19.40 9.43 -22.18
CA ASP B 315 20.01 8.69 -21.08
C ASP B 315 20.57 7.36 -21.58
N ARG B 316 21.69 6.95 -21.00
CA ARG B 316 22.36 5.70 -21.35
C ARG B 316 21.98 4.64 -20.33
N VAL B 317 21.43 3.51 -20.79
CA VAL B 317 20.81 2.53 -19.91
C VAL B 317 21.12 1.11 -20.37
N TYR B 318 21.03 0.18 -19.42
CA TYR B 318 20.86 -1.24 -19.70
C TYR B 318 19.38 -1.59 -19.55
N ILE B 319 18.92 -2.54 -20.35
CA ILE B 319 17.55 -3.05 -20.23
C ILE B 319 17.63 -4.44 -19.62
N ASN B 320 17.14 -4.59 -18.39
CA ASN B 320 16.97 -5.92 -17.85
C ASN B 320 15.63 -6.49 -18.27
N VAL B 321 15.55 -7.82 -18.26
CA VAL B 321 14.41 -8.55 -18.80
C VAL B 321 14.10 -9.70 -17.84
N VAL B 322 12.83 -9.85 -17.48
CA VAL B 322 12.42 -10.75 -16.40
C VAL B 322 11.83 -12.02 -17.00
N VAL B 323 12.49 -13.14 -16.79
CA VAL B 323 12.04 -14.45 -17.27
C VAL B 323 11.98 -15.40 -16.08
N LYS B 324 10.79 -15.92 -15.79
CA LYS B 324 10.56 -16.84 -14.68
C LYS B 324 11.16 -16.29 -13.38
N ASN B 325 10.86 -15.02 -13.11
CA ASN B 325 11.23 -14.33 -11.88
C ASN B 325 12.74 -14.22 -11.69
N LYS B 326 13.46 -14.08 -12.79
CA LYS B 326 14.90 -13.85 -12.75
C LYS B 326 15.26 -12.83 -13.83
N GLU B 327 16.19 -11.94 -13.51
CA GLU B 327 16.52 -10.82 -14.39
C GLU B 327 17.69 -11.19 -15.30
N TYR B 328 17.50 -10.96 -16.60
CA TYR B 328 18.52 -11.19 -17.61
C TYR B 328 18.74 -9.88 -18.36
N ARG B 329 19.81 -9.84 -19.16
CA ARG B 329 20.20 -8.62 -19.86
C ARG B 329 19.80 -8.71 -21.32
N LEU B 330 18.99 -7.76 -21.77
CA LEU B 330 18.76 -7.60 -23.20
C LEU B 330 20.08 -7.26 -23.88
N ALA B 331 20.45 -8.05 -24.89
CA ALA B 331 21.73 -7.88 -25.55
C ALA B 331 21.68 -8.52 -26.93
N THR B 332 22.74 -8.31 -27.70
CA THR B 332 22.82 -8.85 -29.06
C THR B 332 24.27 -8.82 -29.53
N ASN B 333 24.56 -9.69 -30.50
CA ASN B 333 25.82 -9.66 -31.23
C ASN B 333 25.62 -8.75 -32.44
N ALA B 334 26.18 -7.54 -32.37
CA ALA B 334 25.91 -6.53 -33.39
C ALA B 334 26.41 -6.96 -34.76
N SER B 335 27.45 -7.79 -34.82
CA SER B 335 28.07 -8.13 -36.08
C SER B 335 27.26 -9.12 -36.91
N GLN B 336 26.16 -9.65 -36.39
CA GLN B 336 25.39 -10.64 -37.15
C GLN B 336 24.94 -10.06 -38.49
N ALA B 337 24.99 -10.89 -39.52
CA ALA B 337 24.66 -10.43 -40.87
C ALA B 337 23.22 -9.94 -40.93
N GLY B 338 23.00 -8.92 -41.74
CA GLY B 338 21.71 -8.26 -41.81
C GLY B 338 21.66 -7.01 -40.95
N VAL B 339 20.77 -6.10 -41.32
CA VAL B 339 20.65 -4.86 -40.57
C VAL B 339 19.85 -5.07 -39.29
N GLU B 340 18.93 -6.04 -39.28
CA GLU B 340 18.12 -6.32 -38.10
C GLU B 340 18.89 -7.25 -37.15
N LYS B 341 19.21 -6.75 -35.95
CA LYS B 341 20.01 -7.50 -34.98
C LYS B 341 19.07 -8.15 -33.96
N ILE B 342 18.87 -9.46 -34.10
CA ILE B 342 17.97 -10.19 -33.20
C ILE B 342 18.45 -10.08 -31.76
N LEU B 343 17.52 -9.82 -30.85
CA LEU B 343 17.83 -9.59 -29.44
C LEU B 343 17.62 -10.85 -28.61
N SER B 344 18.45 -11.01 -27.59
CA SER B 344 18.37 -12.15 -26.68
C SER B 344 18.44 -11.68 -25.23
N ALA B 345 18.02 -12.56 -24.33
CA ALA B 345 18.10 -12.32 -22.89
C ALA B 345 19.23 -13.18 -22.33
N LEU B 346 20.34 -12.53 -21.97
CA LEU B 346 21.52 -13.22 -21.51
C LEU B 346 21.68 -13.10 -20.00
N GLU B 347 22.43 -14.03 -19.42
CA GLU B 347 22.86 -13.89 -18.04
C GLU B 347 23.70 -12.63 -17.90
N ILE B 348 23.41 -11.84 -16.87
CA ILE B 348 24.13 -10.58 -16.68
C ILE B 348 25.64 -10.77 -16.60
N PRO B 349 26.18 -11.70 -15.80
CA PRO B 349 27.64 -11.82 -15.69
C PRO B 349 28.31 -12.44 -16.91
N ASP B 350 27.55 -12.86 -17.93
CA ASP B 350 28.14 -13.48 -19.12
C ASP B 350 27.84 -12.70 -20.39
N VAL B 351 27.47 -11.42 -20.26
CA VAL B 351 27.15 -10.63 -21.44
C VAL B 351 28.41 -10.19 -22.17
N GLY B 352 29.52 -9.97 -21.45
CA GLY B 352 30.80 -9.77 -22.11
C GLY B 352 30.87 -8.42 -22.81
N ASN B 353 31.14 -8.45 -24.11
CA ASN B 353 31.21 -7.26 -24.94
C ASN B 353 30.10 -7.23 -25.98
N LEU B 354 28.99 -7.92 -25.72
CA LEU B 354 27.83 -7.82 -26.61
C LEU B 354 27.23 -6.42 -26.52
N SER B 355 26.49 -6.06 -27.56
CA SER B 355 25.83 -4.76 -27.60
C SER B 355 24.66 -4.77 -26.61
N GLN B 356 24.72 -3.87 -25.62
CA GLN B 356 23.68 -3.81 -24.61
C GLN B 356 23.30 -2.39 -24.19
N VAL B 357 24.15 -1.39 -24.42
CA VAL B 357 23.83 -0.04 -23.98
C VAL B 357 22.71 0.53 -24.85
N VAL B 358 21.65 1.00 -24.19
CA VAL B 358 20.50 1.60 -24.86
C VAL B 358 20.47 3.08 -24.53
N VAL B 359 20.17 3.89 -25.53
CA VAL B 359 19.93 5.32 -25.35
C VAL B 359 18.42 5.56 -25.37
N MET B 360 17.88 6.08 -24.28
CA MET B 360 16.45 6.36 -24.21
C MET B 360 16.13 7.67 -24.91
N LYS B 361 15.02 7.70 -25.65
CA LYS B 361 14.70 8.83 -26.50
C LYS B 361 13.24 9.23 -26.36
N SER B 362 12.98 10.53 -26.44
CA SER B 362 11.63 11.06 -26.39
C SER B 362 11.38 11.99 -27.57
N ASN B 370 8.35 11.25 -31.16
CA ASN B 370 8.10 9.92 -31.69
C ASN B 370 8.06 8.90 -30.56
N LYS B 371 7.20 7.88 -30.70
CA LYS B 371 7.01 6.89 -29.66
C LYS B 371 8.15 5.88 -29.55
N CYS B 372 9.09 5.87 -30.49
CA CYS B 372 10.18 4.90 -30.48
C CYS B 372 11.22 5.33 -29.45
N LYS B 373 11.40 4.52 -28.39
CA LYS B 373 12.06 4.96 -27.17
C LYS B 373 13.45 4.41 -26.94
N MET B 374 13.82 3.29 -27.55
CA MET B 374 15.05 2.58 -27.19
C MET B 374 15.97 2.46 -28.40
N ASN B 375 17.11 3.15 -28.36
CA ASN B 375 18.11 3.12 -29.42
C ASN B 375 19.36 2.41 -28.91
N LEU B 376 19.68 1.28 -29.52
CA LEU B 376 20.76 0.40 -29.05
C LEU B 376 22.10 0.81 -29.67
N GLN B 377 23.16 0.69 -28.87
CA GLN B 377 24.51 1.04 -29.29
C GLN B 377 25.42 -0.17 -29.16
N ASP B 378 26.52 -0.14 -29.91
CA ASP B 378 27.65 -1.01 -29.59
C ASP B 378 28.48 -0.32 -28.53
N ASN B 379 29.67 -0.83 -28.24
CA ASN B 379 30.50 -0.26 -27.20
C ASN B 379 31.50 0.77 -27.71
N ASN B 380 31.34 1.22 -28.94
CA ASN B 380 32.11 2.34 -29.47
C ASN B 380 31.33 3.64 -29.51
N GLY B 381 30.01 3.59 -29.29
CA GLY B 381 29.16 4.75 -29.44
C GLY B 381 28.36 4.78 -30.72
N ASN B 382 28.57 3.81 -31.62
CA ASN B 382 27.85 3.79 -32.89
C ASN B 382 26.43 3.27 -32.71
N ASP B 383 25.56 3.66 -33.64
CA ASP B 383 24.15 3.31 -33.59
C ASP B 383 23.90 1.91 -34.15
N ILE B 384 23.23 1.08 -33.36
CA ILE B 384 22.78 -0.23 -33.83
C ILE B 384 21.33 -0.18 -34.31
N GLY B 385 20.48 0.59 -33.65
CA GLY B 385 19.13 0.82 -34.12
C GLY B 385 18.11 0.82 -33.00
N PHE B 386 16.92 1.34 -33.32
CA PHE B 386 15.82 1.35 -32.36
C PHE B 386 15.28 -0.06 -32.17
N ILE B 387 14.91 -0.38 -30.93
CA ILE B 387 14.43 -1.72 -30.59
C ILE B 387 12.97 -1.84 -31.03
N GLY B 388 12.72 -2.64 -32.06
CA GLY B 388 11.40 -2.95 -32.57
C GLY B 388 11.25 -4.45 -32.73
N PHE B 389 10.67 -4.84 -33.87
CA PHE B 389 10.55 -6.26 -34.19
C PHE B 389 10.65 -6.47 -35.70
N HIS B 390 10.71 -7.75 -36.09
CA HIS B 390 10.84 -8.15 -37.49
C HIS B 390 10.42 -9.62 -37.57
N GLN B 391 9.73 -9.98 -38.65
CA GLN B 391 9.18 -11.32 -38.82
C GLN B 391 10.20 -12.21 -39.53
N PHE B 392 10.76 -13.16 -38.78
CA PHE B 392 11.62 -14.22 -39.33
C PHE B 392 10.80 -15.50 -39.38
N ASN B 393 10.30 -15.84 -40.56
CA ASN B 393 9.48 -17.04 -40.77
C ASN B 393 8.26 -17.03 -39.85
N ASN B 394 7.52 -15.90 -39.89
CA ASN B 394 6.26 -15.72 -39.18
C ASN B 394 6.43 -15.82 -37.66
N ILE B 395 7.60 -15.40 -37.17
CA ILE B 395 7.84 -15.22 -35.74
C ILE B 395 8.35 -13.79 -35.55
N ALA B 396 7.63 -12.99 -34.77
CA ALA B 396 7.93 -11.56 -34.64
C ALA B 396 8.99 -11.34 -33.56
N LYS B 397 10.22 -11.68 -33.93
CA LYS B 397 11.34 -11.55 -33.01
C LYS B 397 11.73 -10.09 -32.81
N LEU B 398 12.22 -9.78 -31.62
CA LEU B 398 12.64 -8.42 -31.30
C LEU B 398 14.03 -8.16 -31.86
N VAL B 399 14.20 -6.99 -32.48
CA VAL B 399 15.45 -6.63 -33.15
C VAL B 399 15.80 -5.19 -32.83
N ALA B 400 17.08 -4.86 -32.98
CA ALA B 400 17.54 -3.49 -33.13
C ALA B 400 17.84 -3.27 -34.61
N SER B 401 17.35 -2.15 -35.15
CA SER B 401 17.46 -1.93 -36.59
C SER B 401 17.61 -0.45 -36.87
N ASN B 402 18.66 -0.08 -37.61
CA ASN B 402 18.84 1.30 -38.05
C ASN B 402 17.89 1.68 -39.17
N TRP B 403 17.12 0.73 -39.69
CA TRP B 403 16.04 1.06 -40.62
C TRP B 403 15.03 1.99 -39.97
N TYR B 404 14.62 1.66 -38.74
CA TYR B 404 13.74 2.54 -37.97
C TYR B 404 14.32 3.95 -37.90
N ASN B 405 15.61 4.05 -37.58
CA ASN B 405 16.23 5.36 -37.37
C ASN B 405 16.17 6.21 -38.63
N ARG B 406 16.20 5.59 -39.81
CA ARG B 406 16.04 6.36 -41.05
C ARG B 406 14.59 6.79 -41.23
N GLN B 407 13.67 5.82 -41.22
CA GLN B 407 12.25 6.12 -41.42
C GLN B 407 11.74 7.19 -40.46
N ILE B 408 12.35 7.29 -39.28
CA ILE B 408 12.04 8.36 -38.33
C ILE B 408 12.47 9.70 -38.90
N LEU B 415 5.10 2.75 -36.26
CA LEU B 415 6.35 2.01 -36.36
C LEU B 415 6.43 0.90 -35.32
N GLY B 416 7.17 -0.16 -35.66
CA GLY B 416 7.35 -1.29 -34.77
C GLY B 416 8.25 -1.03 -33.58
N CYS B 417 8.94 0.11 -33.56
CA CYS B 417 9.76 0.49 -32.42
C CYS B 417 8.99 1.34 -31.40
N SER B 418 7.68 1.51 -31.58
CA SER B 418 6.87 2.35 -30.72
C SER B 418 6.37 1.53 -29.53
N TRP B 419 6.91 1.80 -28.34
CA TRP B 419 6.59 1.04 -27.14
C TRP B 419 5.91 1.92 -26.10
N GLU B 420 5.14 1.27 -25.23
CA GLU B 420 4.66 1.84 -23.99
C GLU B 420 5.08 0.93 -22.84
N PHE B 421 5.52 1.55 -21.74
CA PHE B 421 5.93 0.81 -20.55
C PHE B 421 4.81 0.88 -19.51
N ILE B 422 4.28 -0.27 -19.12
CA ILE B 422 3.10 -0.34 -18.28
C ILE B 422 3.49 -0.89 -16.91
N PRO B 423 3.55 -0.07 -15.87
CA PRO B 423 3.72 -0.58 -14.52
C PRO B 423 2.37 -0.91 -13.87
N VAL B 424 2.44 -1.68 -12.78
CA VAL B 424 1.24 -1.98 -12.02
C VAL B 424 0.79 -0.74 -11.28
N ASP B 425 -0.46 -0.34 -11.47
CA ASP B 425 -1.00 0.88 -10.91
C ASP B 425 -2.34 0.61 -10.24
N ASP B 426 -2.57 1.28 -9.11
CA ASP B 426 -3.79 1.05 -8.33
C ASP B 426 -5.05 1.29 -9.14
N GLY B 427 -4.98 2.13 -10.18
CA GLY B 427 -6.14 2.45 -10.98
C GLY B 427 -6.51 1.42 -12.02
N TRP B 428 -5.79 0.30 -12.10
CA TRP B 428 -6.07 -0.73 -13.09
C TRP B 428 -5.67 -2.06 -12.47
N ARG B 429 -6.66 -2.86 -12.05
CA ARG B 429 -6.43 -4.20 -11.54
C ARG B 429 -7.04 -5.22 -12.49
N GLU B 430 -6.39 -6.39 -12.57
CA GLU B 430 -6.93 -7.51 -13.31
C GLU B 430 -7.20 -8.73 -12.44
N ARG B 431 -6.70 -8.76 -11.21
CA ARG B 431 -7.00 -9.77 -10.21
C ARG B 431 -7.21 -9.08 -8.87
N PRO B 432 -7.97 -9.69 -7.96
CA PRO B 432 -8.23 -9.03 -6.67
C PRO B 432 -6.95 -8.76 -5.89
N LEU B 433 -6.77 -7.52 -5.49
CA LEU B 433 -5.58 -7.07 -4.76
C LEU B 433 -5.53 -7.66 -3.36
#